data_5H63
#
_entry.id   5H63
#
_cell.length_a   49.570
_cell.length_b   52.280
_cell.length_c   143.750
_cell.angle_alpha   90.00
_cell.angle_beta   90.00
_cell.angle_gamma   108.00
#
_symmetry.space_group_name_H-M   'P 1'
#
loop_
_entity.id
_entity.type
_entity.pdbx_description
1 polymer Transferase
2 non-polymer URIDINE-DIPHOSPHATE-N-ACETYLGLUCOSAMINE
3 non-polymer 'MANGANESE (II) ION'
4 water water
#
_entity_poly.entity_id   1
_entity_poly.type   'polypeptide(L)'
_entity_poly.pdbx_seq_one_letter_code
;MARFNAAFTRIKIMFSRIRGLISCQSNTQTIAPTLSPPSSGHVSFAGIDYPLLPLNHQTPLVFQWFERNPDRFGQNEIPI
INTQKNPYLNNIINAAIIEKERIIGIFVDGDFSKGQRKALGKLEQNYRNIKVIYNSDLNYSMYDKKLTTIYLENITKLEA
QSASERDEVLLNGVKKSLEDVLKNNPEETLISSHNKDKGHLWFDFYRNLFLLKGSDAFLEAGKPGCHHLQPGGGCIYLDA
DMLLTDKLGTLYLPDGIAIHVSRKDNHVSLENGIIAVNRSEHPALIKGLEIMHSKPYGDPYNDWLSKGLRHYFDGSHIQD
YDAFCDFIEFKHENIIMNTSSLTASSWR
;
_entity_poly.pdbx_strand_id   A,B,C,D
#
# COMPACT_ATOMS: atom_id res chain seq x y z
N SER A 40 -5.55 -36.02 0.75
CA SER A 40 -4.81 -36.53 1.94
C SER A 40 -4.32 -35.49 2.93
N GLY A 41 -3.89 -35.97 4.10
CA GLY A 41 -3.48 -35.13 5.23
C GLY A 41 -2.09 -35.49 5.75
N HIS A 42 -1.44 -36.46 5.10
CA HIS A 42 -0.10 -36.86 5.47
C HIS A 42 0.55 -37.37 4.21
N VAL A 43 1.88 -37.32 4.18
CA VAL A 43 2.67 -38.02 3.17
C VAL A 43 3.82 -38.71 3.89
N SER A 44 4.39 -39.71 3.24
CA SER A 44 5.50 -40.43 3.81
C SER A 44 6.70 -40.16 2.95
N PHE A 45 7.84 -39.99 3.60
CA PHE A 45 9.09 -39.97 2.87
C PHE A 45 10.24 -40.54 3.69
N ALA A 46 11.08 -41.31 2.99
CA ALA A 46 12.21 -42.05 3.56
C ALA A 46 11.80 -42.70 4.87
N GLY A 47 10.63 -43.35 4.83
CA GLY A 47 10.14 -44.10 5.95
C GLY A 47 9.47 -43.37 7.09
N ILE A 48 9.33 -42.03 7.00
CA ILE A 48 8.64 -41.21 8.01
C ILE A 48 7.41 -40.51 7.42
N ASP A 49 6.39 -40.38 8.26
CA ASP A 49 5.14 -39.74 7.89
C ASP A 49 5.17 -38.26 8.32
N TYR A 50 4.67 -37.41 7.44
CA TYR A 50 4.68 -35.99 7.65
C TYR A 50 3.30 -35.45 7.42
N PRO A 51 2.80 -34.66 8.37
CA PRO A 51 1.51 -34.01 8.12
C PRO A 51 1.61 -32.95 7.02
N LEU A 52 0.52 -32.81 6.26
CA LEU A 52 0.42 -31.79 5.28
C LEU A 52 -0.13 -30.60 6.00
N LEU A 53 0.76 -29.70 6.41
CA LEU A 53 0.42 -28.62 7.27
C LEU A 53 -0.15 -27.44 6.49
N PRO A 54 -1.21 -26.78 7.04
CA PRO A 54 -1.85 -25.67 6.30
C PRO A 54 -1.02 -24.36 6.29
N LEU A 55 -0.99 -23.68 5.15
CA LEU A 55 -0.57 -22.25 5.10
C LEU A 55 -1.80 -21.52 4.71
N ASN A 56 -2.47 -20.92 5.69
CA ASN A 56 -3.74 -20.30 5.36
C ASN A 56 -3.60 -18.99 4.54
N HIS A 57 -4.74 -18.51 4.07
CA HIS A 57 -4.80 -17.32 3.23
C HIS A 57 -4.29 -16.02 3.87
N GLN A 58 -3.88 -16.04 5.14
CA GLN A 58 -3.17 -14.96 5.82
C GLN A 58 -1.71 -14.91 5.40
N THR A 59 -1.13 -16.10 5.16
CA THR A 59 0.35 -16.32 5.07
C THR A 59 0.77 -15.39 3.96
N PRO A 60 1.70 -14.47 4.23
CA PRO A 60 2.05 -13.51 3.18
C PRO A 60 2.79 -14.13 2.01
N LEU A 61 2.56 -13.55 0.84
CA LEU A 61 3.47 -13.76 -0.28
C LEU A 61 4.63 -12.82 -0.14
N VAL A 62 5.81 -13.24 -0.60
CA VAL A 62 7.00 -12.35 -0.56
C VAL A 62 7.74 -12.41 -1.86
N PHE A 63 7.86 -11.27 -2.52
CA PHE A 63 8.74 -11.08 -3.63
C PHE A 63 10.03 -10.35 -3.15
N GLN A 64 11.06 -10.39 -3.97
CA GLN A 64 12.33 -9.81 -3.65
C GLN A 64 12.83 -8.95 -4.80
N TRP A 65 13.36 -7.76 -4.50
CA TRP A 65 14.10 -6.98 -5.51
C TRP A 65 15.32 -6.29 -4.87
N PHE A 66 16.48 -6.94 -5.05
CA PHE A 66 17.76 -6.39 -4.66
C PHE A 66 18.37 -5.69 -5.87
N GLU A 67 18.64 -4.41 -5.73
CA GLU A 67 18.96 -3.62 -6.90
C GLU A 67 20.36 -3.08 -6.77
N ARG A 68 21.27 -3.59 -7.62
CA ARG A 68 22.69 -3.27 -7.51
C ARG A 68 22.97 -1.86 -8.03
N ASN A 69 22.15 -1.37 -8.96
CA ASN A 69 22.36 -0.06 -9.60
C ASN A 69 21.07 0.78 -9.61
N PRO A 70 20.61 1.25 -8.46
CA PRO A 70 19.32 1.96 -8.43
C PRO A 70 19.36 3.27 -9.20
N ASP A 71 20.56 3.84 -9.44
CA ASP A 71 20.67 5.04 -10.30
C ASP A 71 20.26 4.83 -11.80
N ARG A 72 20.07 3.59 -12.25
CA ARG A 72 19.45 3.35 -13.54
C ARG A 72 17.93 3.66 -13.63
N PHE A 73 17.29 3.90 -12.50
CA PHE A 73 15.92 4.35 -12.49
C PHE A 73 15.95 5.86 -12.19
N GLY A 74 14.87 6.54 -12.59
CA GLY A 74 14.64 7.94 -12.30
C GLY A 74 14.46 8.13 -10.82
N GLN A 75 14.76 9.33 -10.31
CA GLN A 75 14.83 9.38 -8.81
C GLN A 75 13.43 9.49 -8.20
N ASN A 76 12.37 9.63 -9.00
CA ASN A 76 10.96 9.35 -8.57
C ASN A 76 10.29 8.04 -9.09
N GLU A 77 11.09 7.13 -9.60
CA GLU A 77 10.56 5.95 -10.24
C GLU A 77 10.74 4.84 -9.17
N ILE A 78 9.81 3.89 -9.16
CA ILE A 78 9.92 2.80 -8.25
C ILE A 78 11.13 2.03 -8.73
N PRO A 79 12.12 1.80 -7.88
CA PRO A 79 13.36 1.15 -8.40
C PRO A 79 13.31 -0.38 -8.48
N ILE A 80 12.31 -0.89 -9.21
CA ILE A 80 12.13 -2.32 -9.37
C ILE A 80 11.98 -2.51 -10.88
N ILE A 81 12.70 -3.46 -11.45
CA ILE A 81 12.65 -3.69 -12.86
C ILE A 81 11.22 -3.86 -13.38
N ASN A 82 10.96 -3.25 -14.55
CA ASN A 82 9.61 -3.26 -15.12
C ASN A 82 9.65 -3.02 -16.62
N THR A 83 10.51 -3.75 -17.28
CA THR A 83 10.66 -3.68 -18.73
C THR A 83 9.69 -4.68 -19.40
N GLN A 84 9.58 -4.61 -20.73
CA GLN A 84 8.88 -5.58 -21.52
C GLN A 84 9.32 -7.05 -21.28
N LYS A 85 10.61 -7.26 -21.26
CA LYS A 85 11.12 -8.59 -21.05
C LYS A 85 11.09 -9.00 -19.59
N ASN A 86 11.21 -8.03 -18.68
CA ASN A 86 11.17 -8.32 -17.21
C ASN A 86 10.15 -7.38 -16.52
N PRO A 87 8.86 -7.64 -16.68
CA PRO A 87 7.82 -6.71 -16.18
C PRO A 87 7.54 -6.99 -14.72
N TYR A 88 8.59 -6.94 -13.89
CA TYR A 88 8.46 -7.49 -12.52
C TYR A 88 7.61 -6.70 -11.53
N LEU A 89 7.64 -5.39 -11.59
CA LEU A 89 6.80 -4.58 -10.73
C LEU A 89 5.33 -4.81 -11.12
N ASN A 90 5.04 -4.77 -12.42
CA ASN A 90 3.67 -5.12 -12.85
C ASN A 90 3.21 -6.49 -12.36
N ASN A 91 4.09 -7.51 -12.44
CA ASN A 91 3.73 -8.86 -12.00
C ASN A 91 3.43 -8.86 -10.54
N ILE A 92 4.17 -8.06 -9.78
CA ILE A 92 3.94 -8.03 -8.32
C ILE A 92 2.58 -7.36 -8.00
N ILE A 93 2.31 -6.31 -8.71
CA ILE A 93 1.10 -5.50 -8.53
C ILE A 93 -0.04 -6.41 -8.89
N ASN A 94 0.10 -7.14 -9.98
CA ASN A 94 -0.96 -8.03 -10.45
C ASN A 94 -1.26 -9.14 -9.45
N ALA A 95 -0.21 -9.64 -8.79
CA ALA A 95 -0.38 -10.56 -7.68
C ALA A 95 -1.06 -9.97 -6.51
N ALA A 96 -0.71 -8.74 -6.16
CA ALA A 96 -1.37 -8.03 -5.02
C ALA A 96 -2.89 -7.77 -5.30
N ILE A 97 -3.22 -7.49 -6.53
CA ILE A 97 -4.59 -7.28 -6.97
C ILE A 97 -5.42 -8.59 -6.80
N ILE A 98 -4.86 -9.70 -7.29
CA ILE A 98 -5.48 -11.04 -7.17
C ILE A 98 -5.60 -11.44 -5.71
N GLU A 99 -4.52 -11.27 -4.94
CA GLU A 99 -4.47 -11.66 -3.55
C GLU A 99 -4.81 -10.52 -2.61
N LYS A 100 -5.96 -9.96 -2.81
CA LYS A 100 -6.38 -8.79 -2.09
C LYS A 100 -6.49 -8.97 -0.62
N GLU A 101 -6.74 -10.16 -0.19
CA GLU A 101 -6.97 -10.34 1.23
C GLU A 101 -5.71 -10.72 1.93
N ARG A 102 -4.57 -10.67 1.25
CA ARG A 102 -3.37 -11.19 1.88
C ARG A 102 -2.19 -10.23 1.81
N ILE A 103 -1.33 -10.21 2.80
CA ILE A 103 -0.23 -9.31 2.74
C ILE A 103 0.73 -9.75 1.70
N ILE A 104 1.34 -8.78 1.00
CA ILE A 104 2.33 -9.07 -0.05
C ILE A 104 3.59 -8.29 0.31
N GLY A 105 4.63 -8.99 0.65
CA GLY A 105 5.85 -8.31 1.04
C GLY A 105 6.71 -8.09 -0.21
N ILE A 106 7.36 -6.94 -0.31
CA ILE A 106 8.45 -6.77 -1.32
C ILE A 106 9.73 -6.53 -0.51
N PHE A 107 10.61 -7.53 -0.52
CA PHE A 107 11.90 -7.56 0.20
C PHE A 107 12.93 -6.92 -0.69
N VAL A 108 13.33 -5.69 -0.34
CA VAL A 108 14.24 -4.94 -1.20
C VAL A 108 15.58 -4.60 -0.56
N ASP A 109 16.57 -4.32 -1.40
CA ASP A 109 17.85 -3.78 -0.90
C ASP A 109 18.47 -3.06 -2.05
N GLY A 110 19.41 -2.19 -1.68
CA GLY A 110 20.14 -1.33 -2.56
C GLY A 110 20.16 0.12 -2.09
N ASP A 111 20.98 0.91 -2.74
CA ASP A 111 21.22 2.30 -2.32
C ASP A 111 20.20 3.28 -2.93
N PHE A 112 18.94 3.13 -2.52
CA PHE A 112 17.84 3.87 -3.17
C PHE A 112 17.85 5.32 -2.77
N SER A 113 17.43 6.19 -3.69
CA SER A 113 17.34 7.59 -3.33
C SER A 113 16.16 7.84 -2.36
N LYS A 114 16.12 9.02 -1.76
CA LYS A 114 14.96 9.43 -0.95
C LYS A 114 13.77 9.44 -1.84
N GLY A 115 13.95 9.94 -3.06
CA GLY A 115 12.83 10.01 -4.00
C GLY A 115 12.27 8.62 -4.36
N GLN A 116 13.18 7.67 -4.47
CA GLN A 116 12.83 6.29 -4.74
C GLN A 116 12.12 5.60 -3.59
N ARG A 117 12.55 5.86 -2.36
CA ARG A 117 11.89 5.39 -1.21
C ARG A 117 10.47 5.98 -1.15
N LYS A 118 10.32 7.27 -1.51
CA LYS A 118 8.99 7.88 -1.52
C LYS A 118 8.10 7.23 -2.60
N ALA A 119 8.64 6.90 -3.78
CA ALA A 119 7.89 6.16 -4.81
C ALA A 119 7.44 4.77 -4.31
N LEU A 120 8.30 4.08 -3.59
CA LEU A 120 7.94 2.82 -2.91
C LEU A 120 6.86 3.01 -1.84
N GLY A 121 6.93 4.09 -1.07
CA GLY A 121 5.86 4.48 -0.14
C GLY A 121 4.50 4.70 -0.82
N LYS A 122 4.56 5.26 -2.00
CA LYS A 122 3.38 5.55 -2.83
C LYS A 122 2.73 4.28 -3.47
N LEU A 123 3.56 3.32 -3.87
CA LEU A 123 3.10 2.01 -4.21
C LEU A 123 2.26 1.35 -3.07
N GLU A 124 2.71 1.48 -1.85
CA GLU A 124 2.03 0.93 -0.68
C GLU A 124 0.66 1.66 -0.42
N GLN A 125 0.60 2.93 -0.81
CA GLN A 125 -0.64 3.69 -0.74
C GLN A 125 -1.61 3.28 -1.81
N ASN A 126 -1.10 3.00 -3.01
CA ASN A 126 -1.91 2.54 -4.09
C ASN A 126 -2.40 1.08 -4.01
N TYR A 127 -1.69 0.25 -3.27
CA TYR A 127 -2.06 -1.16 -3.07
C TYR A 127 -1.83 -1.47 -1.60
N ARG A 128 -2.92 -1.42 -0.81
CA ARG A 128 -2.80 -1.40 0.67
C ARG A 128 -2.26 -2.67 1.28
N ASN A 129 -2.30 -3.75 0.51
CA ASN A 129 -1.72 -5.02 0.93
C ASN A 129 -0.21 -5.20 0.70
N ILE A 130 0.38 -4.32 -0.11
CA ILE A 130 1.86 -4.34 -0.33
C ILE A 130 2.62 -3.73 0.83
N LYS A 131 3.64 -4.42 1.30
CA LYS A 131 4.51 -3.95 2.39
C LYS A 131 5.96 -4.04 1.89
N VAL A 132 6.62 -2.89 1.66
CA VAL A 132 8.04 -2.82 1.20
C VAL A 132 8.97 -2.97 2.38
N ILE A 133 9.74 -4.08 2.47
CA ILE A 133 10.62 -4.36 3.58
C ILE A 133 12.10 -4.11 3.16
N TYR A 134 12.72 -3.13 3.81
CA TYR A 134 14.10 -2.76 3.57
C TYR A 134 14.99 -3.72 4.33
N ASN A 135 15.89 -4.36 3.58
CA ASN A 135 16.83 -5.32 4.16
C ASN A 135 17.69 -4.65 5.26
N SER A 136 18.00 -3.37 5.11
CA SER A 136 18.74 -2.61 6.18
C SER A 136 18.02 -2.55 7.54
N ASP A 137 16.69 -2.83 7.57
CA ASP A 137 15.87 -2.76 8.83
C ASP A 137 15.77 -4.07 9.54
N LEU A 138 16.43 -5.11 9.04
CA LEU A 138 16.44 -6.38 9.69
C LEU A 138 17.87 -6.72 10.16
N ASN A 139 17.93 -7.37 11.30
CA ASN A 139 19.15 -7.82 11.98
C ASN A 139 19.31 -9.33 11.82
N TYR A 140 20.37 -9.73 11.19
CA TYR A 140 20.69 -11.15 10.94
C TYR A 140 21.90 -11.64 11.71
N SER A 141 22.26 -10.91 12.77
CA SER A 141 23.53 -11.23 13.48
C SER A 141 23.43 -12.60 14.17
N MET A 142 22.23 -13.07 14.50
CA MET A 142 22.06 -14.33 15.17
C MET A 142 22.36 -15.51 14.21
N TYR A 143 22.42 -15.24 12.89
CA TYR A 143 22.67 -16.26 11.88
C TYR A 143 24.06 -16.24 11.26
N ASP A 144 24.93 -15.37 11.78
CA ASP A 144 26.14 -14.98 11.10
C ASP A 144 27.32 -15.75 11.72
N LYS A 145 28.44 -15.71 11.00
CA LYS A 145 29.66 -16.38 11.46
C LYS A 145 30.80 -15.79 10.69
N LYS A 146 31.94 -15.62 11.36
CA LYS A 146 33.12 -15.08 10.71
C LYS A 146 33.71 -16.09 9.75
N LEU A 147 34.17 -15.61 8.60
CA LEU A 147 34.87 -16.43 7.63
C LEU A 147 36.21 -17.02 8.19
N THR A 148 36.94 -16.24 9.01
CA THR A 148 38.17 -16.82 9.62
C THR A 148 37.85 -18.08 10.44
N THR A 149 36.74 -18.00 11.11
CA THR A 149 36.34 -19.07 11.97
C THR A 149 36.03 -20.34 11.19
N ILE A 150 35.21 -20.19 10.14
CA ILE A 150 34.92 -21.30 9.23
C ILE A 150 36.21 -21.85 8.62
N TYR A 151 37.06 -20.97 8.12
CA TYR A 151 38.32 -21.45 7.52
C TYR A 151 39.24 -22.18 8.55
N LEU A 152 39.39 -21.59 9.74
CA LEU A 152 40.25 -22.18 10.75
C LEU A 152 39.72 -23.55 11.17
N GLU A 153 38.40 -23.69 11.30
CA GLU A 153 37.79 -24.96 11.69
C GLU A 153 38.03 -26.04 10.61
N ASN A 154 37.88 -25.66 9.36
CA ASN A 154 38.13 -26.59 8.27
C ASN A 154 39.62 -26.98 8.13
N ILE A 155 40.53 -26.04 8.33
CA ILE A 155 41.98 -26.31 8.32
C ILE A 155 42.35 -27.32 9.42
N THR A 156 41.87 -27.07 10.64
CA THR A 156 42.11 -27.96 11.77
C THR A 156 41.66 -29.37 11.46
N LYS A 157 40.46 -29.52 10.92
CA LYS A 157 39.86 -30.79 10.65
C LYS A 157 40.68 -31.56 9.58
N LEU A 158 41.06 -30.83 8.52
CA LEU A 158 41.93 -31.38 7.45
C LEU A 158 43.33 -31.77 7.93
N GLU A 159 43.97 -30.90 8.71
CA GLU A 159 45.28 -31.20 9.31
C GLU A 159 45.26 -32.35 10.35
N ALA A 160 44.10 -32.68 10.93
CA ALA A 160 43.94 -33.83 11.83
C ALA A 160 43.89 -35.16 11.07
N GLN A 161 43.46 -35.11 9.81
CA GLN A 161 43.52 -36.26 8.91
C GLN A 161 44.97 -36.44 8.37
N SER A 162 45.37 -37.71 8.17
CA SER A 162 46.68 -38.06 7.60
C SER A 162 46.90 -37.45 6.21
N ALA A 163 48.14 -37.15 5.92
CA ALA A 163 48.50 -36.59 4.62
C ALA A 163 48.07 -37.51 3.48
N SER A 164 48.16 -38.83 3.72
CA SER A 164 47.81 -39.81 2.68
C SER A 164 46.27 -40.08 2.52
N GLU A 165 45.47 -39.56 3.45
CA GLU A 165 44.02 -39.69 3.55
C GLU A 165 43.34 -38.48 2.93
N ARG A 166 43.88 -37.30 3.20
CA ARG A 166 43.08 -36.09 3.08
C ARG A 166 43.11 -35.45 1.67
N ASP A 167 42.24 -34.47 1.53
CA ASP A 167 42.12 -33.64 0.32
C ASP A 167 43.02 -32.46 0.48
N GLU A 168 44.26 -32.67 0.02
CA GLU A 168 45.29 -31.70 0.18
C GLU A 168 45.05 -30.45 -0.66
N VAL A 169 44.37 -30.62 -1.80
CA VAL A 169 44.02 -29.53 -2.72
C VAL A 169 43.03 -28.58 -2.02
N LEU A 170 42.00 -29.15 -1.40
CA LEU A 170 41.11 -28.40 -0.55
C LEU A 170 41.85 -27.74 0.59
N LEU A 171 42.72 -28.49 1.28
CA LEU A 171 43.44 -27.90 2.42
C LEU A 171 44.17 -26.65 1.94
N ASN A 172 44.89 -26.73 0.82
CA ASN A 172 45.58 -25.57 0.25
C ASN A 172 44.65 -24.44 -0.24
N GLY A 173 43.51 -24.79 -0.81
CA GLY A 173 42.53 -23.80 -1.20
C GLY A 173 42.01 -22.99 -0.01
N VAL A 174 41.64 -23.68 1.06
CA VAL A 174 41.14 -23.01 2.27
C VAL A 174 42.21 -22.12 2.92
N LYS A 175 43.46 -22.59 2.96
CA LYS A 175 44.49 -21.76 3.54
C LYS A 175 44.68 -20.48 2.73
N LYS A 176 44.56 -20.57 1.42
CA LYS A 176 44.59 -19.37 0.58
C LYS A 176 43.39 -18.42 0.79
N SER A 177 42.17 -18.92 0.82
CA SER A 177 41.00 -18.10 1.21
C SER A 177 41.23 -17.41 2.59
N LEU A 178 41.82 -18.13 3.53
CA LEU A 178 42.10 -17.52 4.84
C LEU A 178 43.09 -16.35 4.71
N GLU A 179 44.17 -16.55 3.98
CA GLU A 179 45.18 -15.49 3.75
C GLU A 179 44.56 -14.24 3.14
N ASP A 180 43.73 -14.46 2.12
CA ASP A 180 43.01 -13.38 1.45
C ASP A 180 42.12 -12.60 2.37
N VAL A 181 41.35 -13.28 3.23
CA VAL A 181 40.51 -12.59 4.21
C VAL A 181 41.35 -11.79 5.24
N LEU A 182 42.40 -12.39 5.76
CA LEU A 182 43.28 -11.72 6.76
C LEU A 182 43.97 -10.51 6.16
N LYS A 183 44.31 -10.58 4.89
CA LYS A 183 44.90 -9.46 4.19
C LYS A 183 43.88 -8.36 3.87
N ASN A 184 42.65 -8.72 3.49
CA ASN A 184 41.67 -7.71 2.99
C ASN A 184 40.71 -7.17 4.07
N ASN A 185 40.14 -8.07 4.88
CA ASN A 185 39.19 -7.71 5.90
C ASN A 185 38.96 -8.91 6.84
N PRO A 186 39.71 -8.92 7.97
CA PRO A 186 39.65 -10.02 8.90
C PRO A 186 38.34 -10.24 9.56
N GLU A 187 37.51 -9.21 9.65
CA GLU A 187 36.21 -9.35 10.28
C GLU A 187 35.09 -9.77 9.27
N GLU A 188 35.42 -10.05 8.03
CA GLU A 188 34.42 -10.48 7.02
C GLU A 188 33.63 -11.66 7.57
N THR A 189 32.30 -11.63 7.42
CA THR A 189 31.44 -12.69 7.88
C THR A 189 30.71 -13.33 6.69
N LEU A 190 30.01 -14.42 6.92
CA LEU A 190 29.19 -15.05 5.86
C LEU A 190 28.26 -14.02 5.22
N ILE A 191 27.61 -13.30 6.07
CA ILE A 191 26.67 -12.30 5.66
C ILE A 191 27.33 -11.12 4.98
N SER A 192 28.36 -10.50 5.54
CA SER A 192 28.97 -9.36 4.90
C SER A 192 29.58 -9.74 3.56
N SER A 193 30.05 -11.00 3.45
CA SER A 193 30.63 -11.49 2.22
C SER A 193 29.61 -11.67 1.06
N HIS A 194 28.35 -11.92 1.38
CA HIS A 194 27.28 -12.09 0.31
C HIS A 194 26.62 -10.75 0.01
N ASN A 195 27.42 -9.83 -0.51
CA ASN A 195 27.02 -8.42 -0.73
C ASN A 195 26.78 -8.22 -2.20
N LYS A 196 26.38 -7.01 -2.58
CA LYS A 196 26.01 -6.64 -3.93
C LYS A 196 27.04 -6.87 -4.99
N ASP A 197 28.31 -6.83 -4.57
CA ASP A 197 29.39 -7.17 -5.50
C ASP A 197 29.45 -8.66 -5.92
N LYS A 198 28.63 -9.53 -5.32
CA LYS A 198 28.66 -10.98 -5.58
C LYS A 198 27.55 -11.47 -6.51
N GLY A 199 26.98 -10.55 -7.29
CA GLY A 199 25.92 -10.90 -8.27
C GLY A 199 24.76 -11.59 -7.58
N HIS A 200 24.34 -12.72 -8.11
CA HIS A 200 23.13 -13.40 -7.65
C HIS A 200 23.24 -13.93 -6.22
N LEU A 201 24.46 -14.16 -5.76
CA LEU A 201 24.69 -14.56 -4.37
C LEU A 201 24.11 -13.59 -3.36
N TRP A 202 24.12 -12.30 -3.69
CA TRP A 202 23.56 -11.26 -2.79
C TRP A 202 22.11 -11.54 -2.42
N PHE A 203 21.27 -11.59 -3.45
CA PHE A 203 19.83 -11.87 -3.21
C PHE A 203 19.56 -13.30 -2.79
N ASP A 204 20.26 -14.28 -3.34
CA ASP A 204 20.00 -15.69 -2.95
C ASP A 204 20.27 -15.97 -1.47
N PHE A 205 21.35 -15.36 -0.97
CA PHE A 205 21.74 -15.58 0.44
C PHE A 205 20.72 -14.94 1.37
N TYR A 206 20.45 -13.68 1.11
CA TYR A 206 19.47 -12.90 1.96
C TYR A 206 18.05 -13.42 1.89
N ARG A 207 17.66 -14.00 0.75
CA ARG A 207 16.32 -14.65 0.64
C ARG A 207 16.16 -15.76 1.70
N ASN A 208 17.21 -16.58 1.89
CA ASN A 208 17.16 -17.72 2.82
C ASN A 208 17.14 -17.21 4.24
N LEU A 209 17.92 -16.14 4.50
CA LEU A 209 17.85 -15.47 5.79
C LEU A 209 16.46 -14.92 6.10
N PHE A 210 15.84 -14.28 5.10
CA PHE A 210 14.48 -13.77 5.29
C PHE A 210 13.51 -14.92 5.61
N LEU A 211 13.62 -16.06 4.92
CA LEU A 211 12.81 -17.25 5.19
C LEU A 211 12.97 -17.81 6.63
N LEU A 212 14.18 -17.73 7.18
CA LEU A 212 14.38 -18.04 8.57
C LEU A 212 13.52 -17.14 9.50
N LYS A 213 13.44 -15.85 9.20
CA LYS A 213 12.62 -14.93 10.01
C LYS A 213 11.15 -15.18 9.83
N GLY A 214 10.75 -15.45 8.58
CA GLY A 214 9.33 -15.61 8.27
C GLY A 214 8.50 -14.33 8.45
N SER A 215 7.23 -14.51 8.75
CA SER A 215 6.26 -13.43 9.00
C SER A 215 6.76 -12.36 9.92
N ASP A 216 7.48 -12.77 10.95
CA ASP A 216 8.03 -11.82 11.90
C ASP A 216 8.89 -10.74 11.30
N ALA A 217 9.57 -11.01 10.17
CA ALA A 217 10.29 -9.94 9.50
C ALA A 217 9.41 -8.69 9.20
N PHE A 218 8.11 -8.86 8.90
CA PHE A 218 7.26 -7.69 8.64
C PHE A 218 7.22 -6.80 9.90
N LEU A 219 7.10 -7.43 11.06
CA LEU A 219 6.99 -6.76 12.34
C LEU A 219 8.32 -6.13 12.74
N GLU A 220 9.41 -6.91 12.62
CA GLU A 220 10.77 -6.41 12.92
C GLU A 220 11.11 -5.19 12.05
N ALA A 221 10.68 -5.17 10.77
CA ALA A 221 10.91 -3.97 9.94
C ALA A 221 9.94 -2.81 10.17
N GLY A 222 9.05 -2.94 11.14
CA GLY A 222 8.14 -1.88 11.56
C GLY A 222 7.08 -1.59 10.54
N LYS A 223 6.67 -2.61 9.78
CA LYS A 223 5.59 -2.39 8.79
C LYS A 223 4.25 -2.28 9.48
N PRO A 224 3.44 -1.28 9.08
CA PRO A 224 2.13 -1.12 9.71
C PRO A 224 1.12 -2.11 9.11
N GLY A 225 0.10 -2.46 9.92
CA GLY A 225 -0.99 -3.28 9.44
C GLY A 225 -0.58 -4.71 9.18
N CYS A 226 0.41 -5.17 9.93
CA CYS A 226 0.85 -6.57 9.85
C CYS A 226 0.57 -7.30 11.12
N HIS A 227 -0.24 -6.73 12.01
CA HIS A 227 -0.52 -7.35 13.31
C HIS A 227 -1.46 -8.59 13.24
N HIS A 228 -2.13 -8.83 12.12
CA HIS A 228 -2.89 -10.10 11.98
C HIS A 228 -2.02 -11.23 11.41
N LEU A 229 -0.75 -11.00 11.17
CA LEU A 229 0.17 -12.13 10.88
C LEU A 229 0.34 -12.98 12.14
N GLN A 230 0.37 -14.30 11.96
CA GLN A 230 0.67 -15.23 13.04
C GLN A 230 2.09 -15.02 13.60
N PRO A 231 2.24 -14.89 14.90
CA PRO A 231 3.57 -14.78 15.43
C PRO A 231 4.40 -16.02 15.14
N GLY A 232 5.63 -15.83 14.73
CA GLY A 232 6.44 -17.00 14.31
C GLY A 232 5.93 -17.70 13.03
N GLY A 233 5.13 -17.00 12.26
CA GLY A 233 4.52 -17.53 11.05
C GLY A 233 5.48 -17.63 9.87
N GLY A 234 4.97 -18.18 8.80
CA GLY A 234 5.71 -18.40 7.60
C GLY A 234 5.45 -17.40 6.46
N CYS A 235 5.89 -17.75 5.25
CA CYS A 235 5.61 -16.95 4.08
C CYS A 235 5.80 -17.81 2.85
N ILE A 236 5.33 -17.28 1.71
CA ILE A 236 5.43 -17.93 0.43
C ILE A 236 6.26 -17.03 -0.43
N TYR A 237 7.54 -17.38 -0.55
CA TYR A 237 8.46 -16.65 -1.43
C TYR A 237 8.25 -17.05 -2.88
N LEU A 238 8.17 -16.06 -3.74
CA LEU A 238 8.07 -16.25 -5.22
C LEU A 238 9.00 -15.32 -5.94
N ASP A 239 9.73 -15.84 -6.89
CA ASP A 239 10.37 -15.05 -7.94
C ASP A 239 9.27 -14.19 -8.64
N ALA A 240 9.62 -12.98 -9.03
CA ALA A 240 8.68 -12.03 -9.59
C ALA A 240 8.13 -12.41 -10.96
N ASP A 241 8.69 -13.43 -11.61
CA ASP A 241 8.12 -13.97 -12.85
C ASP A 241 7.22 -15.23 -12.65
N MET A 242 6.93 -15.59 -11.40
CA MET A 242 6.00 -16.64 -11.07
C MET A 242 4.60 -15.96 -11.09
N LEU A 243 3.93 -16.08 -12.23
CA LEU A 243 2.68 -15.30 -12.51
C LEU A 243 1.46 -15.99 -11.95
N LEU A 244 0.81 -15.34 -11.00
CA LEU A 244 -0.48 -15.77 -10.51
C LEU A 244 -1.56 -15.53 -11.55
N THR A 245 -2.35 -16.56 -11.81
CA THR A 245 -3.52 -16.37 -12.70
C THR A 245 -4.79 -16.43 -11.94
N ASP A 246 -4.73 -16.78 -10.69
CA ASP A 246 -5.99 -16.70 -9.91
C ASP A 246 -5.64 -16.88 -8.44
N LYS A 247 -6.47 -16.81 -7.39
CA LYS A 247 -6.00 -16.94 -6.00
C LYS A 247 -5.31 -18.22 -5.67
N LEU A 248 -4.36 -18.22 -4.75
CA LEU A 248 -3.73 -19.49 -4.32
C LEU A 248 -4.53 -20.29 -3.31
N GLY A 249 -5.38 -19.61 -2.55
CA GLY A 249 -6.05 -20.23 -1.39
C GLY A 249 -5.11 -20.76 -0.31
N THR A 250 -5.60 -21.78 0.43
CA THR A 250 -4.88 -22.38 1.51
C THR A 250 -3.99 -23.51 0.90
N LEU A 251 -2.74 -23.58 1.33
CA LEU A 251 -1.80 -24.55 0.82
C LEU A 251 -1.60 -25.58 1.93
N TYR A 252 -1.23 -26.78 1.55
CA TYR A 252 -0.93 -27.87 2.47
C TYR A 252 0.42 -28.42 2.04
N LEU A 253 1.41 -28.20 2.87
CA LEU A 253 2.79 -28.60 2.56
C LEU A 253 3.35 -29.59 3.56
N PRO A 254 4.21 -30.51 3.11
CA PRO A 254 4.71 -31.54 4.04
C PRO A 254 5.69 -30.94 5.08
N ASP A 255 5.44 -31.23 6.34
CA ASP A 255 6.13 -30.57 7.42
C ASP A 255 6.10 -29.01 7.25
N GLY A 256 5.10 -28.49 6.54
CA GLY A 256 5.01 -27.03 6.33
C GLY A 256 6.11 -26.46 5.46
N ILE A 257 6.62 -27.22 4.50
CA ILE A 257 7.65 -26.67 3.61
C ILE A 257 7.50 -27.21 2.19
N ALA A 258 7.78 -26.35 1.21
CA ALA A 258 7.86 -26.80 -0.19
C ALA A 258 8.67 -25.86 -1.01
N ILE A 259 9.21 -26.35 -2.14
CA ILE A 259 10.13 -25.62 -2.97
C ILE A 259 9.82 -25.88 -4.44
N HIS A 260 10.18 -24.95 -5.32
CA HIS A 260 10.05 -25.12 -6.75
C HIS A 260 10.84 -26.36 -7.26
N VAL A 261 10.21 -27.07 -8.20
CA VAL A 261 10.89 -28.09 -8.99
C VAL A 261 10.73 -27.76 -10.46
N SER A 262 11.83 -27.84 -11.19
CA SER A 262 11.71 -27.73 -12.69
C SER A 262 11.60 -29.10 -13.33
N ARG A 263 10.79 -29.15 -14.38
CA ARG A 263 10.63 -30.37 -15.14
C ARG A 263 10.89 -30.08 -16.61
N LYS A 264 12.14 -29.74 -16.90
CA LYS A 264 12.53 -29.48 -18.27
C LYS A 264 13.79 -30.23 -18.61
N ASP A 265 13.71 -31.28 -19.42
CA ASP A 265 12.62 -32.27 -19.45
C ASP A 265 13.27 -33.29 -20.39
N ASN A 266 13.24 -34.61 -20.16
CA ASN A 266 12.53 -35.36 -19.11
C ASN A 266 13.48 -35.50 -17.93
N HIS A 267 13.20 -34.70 -16.93
CA HIS A 267 14.22 -34.08 -16.12
C HIS A 267 13.53 -33.45 -14.93
N VAL A 268 14.09 -33.56 -13.74
CA VAL A 268 13.49 -32.98 -12.55
C VAL A 268 14.59 -32.51 -11.63
N SER A 269 14.60 -31.25 -11.19
CA SER A 269 15.55 -30.80 -10.15
C SER A 269 14.88 -29.88 -9.14
N LEU A 270 15.46 -29.80 -7.95
CA LEU A 270 15.16 -28.72 -7.05
C LEU A 270 15.58 -27.42 -7.68
N GLU A 271 14.83 -26.36 -7.41
CA GLU A 271 15.19 -25.03 -7.90
C GLU A 271 14.86 -24.06 -6.84
N ASN A 272 15.55 -22.95 -6.91
CA ASN A 272 15.20 -21.83 -6.18
C ASN A 272 13.96 -21.25 -6.90
N GLY A 273 13.29 -20.34 -6.27
CA GLY A 273 12.33 -19.50 -7.01
C GLY A 273 10.92 -19.57 -6.47
N ILE A 274 10.63 -20.63 -5.77
CA ILE A 274 9.49 -20.70 -4.83
C ILE A 274 10.02 -21.37 -3.57
N ILE A 275 9.82 -20.72 -2.42
CA ILE A 275 10.10 -21.30 -1.14
C ILE A 275 8.97 -20.93 -0.18
N ALA A 276 8.22 -21.95 0.28
CA ALA A 276 7.07 -21.77 1.15
C ALA A 276 7.34 -22.46 2.46
N VAL A 277 7.18 -21.75 3.56
CA VAL A 277 7.35 -22.31 4.91
C VAL A 277 6.16 -21.87 5.73
N ASN A 278 5.75 -22.72 6.66
CA ASN A 278 4.65 -22.39 7.60
C ASN A 278 5.08 -21.77 8.87
N ARG A 279 6.38 -21.65 9.12
CA ARG A 279 6.85 -21.15 10.41
C ARG A 279 8.24 -20.56 10.28
N SER A 280 8.64 -19.73 11.26
CA SER A 280 10.01 -19.25 11.38
C SER A 280 11.01 -20.36 11.68
N GLU A 281 12.25 -20.17 11.24
CA GLU A 281 13.38 -21.09 11.51
C GLU A 281 13.03 -22.53 11.24
N HIS A 282 12.46 -22.80 10.07
CA HIS A 282 12.08 -24.17 9.68
C HIS A 282 13.31 -25.02 9.85
N PRO A 283 13.21 -26.18 10.55
CA PRO A 283 14.45 -26.92 10.82
C PRO A 283 15.22 -27.41 9.57
N ALA A 284 14.50 -27.67 8.48
CA ALA A 284 15.18 -27.92 7.16
C ALA A 284 16.10 -26.74 6.74
N LEU A 285 15.59 -25.50 6.85
CA LEU A 285 16.41 -24.34 6.59
C LEU A 285 17.48 -24.12 7.65
N ILE A 286 17.24 -24.45 8.91
CA ILE A 286 18.29 -24.32 9.91
C ILE A 286 19.42 -25.30 9.60
N LYS A 287 19.05 -26.52 9.20
CA LYS A 287 20.04 -27.54 8.76
C LYS A 287 20.93 -27.04 7.64
N GLY A 288 20.32 -26.48 6.61
CA GLY A 288 21.06 -25.79 5.53
C GLY A 288 21.99 -24.71 6.07
N LEU A 289 21.55 -23.91 7.04
CA LEU A 289 22.43 -22.83 7.59
C LEU A 289 23.65 -23.44 8.31
N GLU A 290 23.43 -24.55 9.02
CA GLU A 290 24.51 -25.28 9.69
C GLU A 290 25.52 -25.76 8.67
N ILE A 291 25.06 -26.16 7.48
CA ILE A 291 26.01 -26.52 6.41
C ILE A 291 26.79 -25.28 5.93
N MET A 292 26.10 -24.14 5.78
CA MET A 292 26.75 -22.88 5.41
C MET A 292 27.79 -22.47 6.51
N HIS A 293 27.54 -22.83 7.76
CA HIS A 293 28.48 -22.43 8.83
C HIS A 293 29.69 -23.38 8.93
N SER A 294 29.61 -24.56 8.36
CA SER A 294 30.68 -25.55 8.51
C SER A 294 31.48 -25.75 7.19
N LYS A 295 30.86 -25.50 6.04
CA LYS A 295 31.51 -25.67 4.75
C LYS A 295 32.26 -24.44 4.35
N PRO A 296 33.49 -24.60 3.84
CA PRO A 296 34.01 -23.47 3.13
C PRO A 296 33.32 -23.53 1.73
N TYR A 297 33.07 -22.37 1.23
CA TYR A 297 32.42 -22.15 -0.04
C TYR A 297 30.98 -22.58 -0.13
N GLY A 298 30.27 -22.66 0.97
CA GLY A 298 28.84 -22.94 0.97
C GLY A 298 28.03 -22.02 0.00
N ASP A 299 27.20 -22.65 -0.79
CA ASP A 299 26.35 -21.97 -1.80
C ASP A 299 24.88 -21.99 -1.36
N PRO A 300 24.17 -20.84 -1.42
CA PRO A 300 22.80 -20.79 -0.90
C PRO A 300 21.90 -21.77 -1.59
N TYR A 301 22.08 -21.92 -2.92
CA TYR A 301 21.29 -22.95 -3.64
C TYR A 301 21.72 -24.39 -3.36
N ASN A 302 22.96 -24.68 -3.71
CA ASN A 302 23.49 -26.05 -3.75
C ASN A 302 23.64 -26.67 -2.34
N ASP A 303 24.03 -25.84 -1.39
CA ASP A 303 24.25 -26.27 0.02
C ASP A 303 23.13 -25.93 0.96
N TRP A 304 22.75 -24.65 1.12
CA TRP A 304 21.70 -24.33 2.10
C TRP A 304 20.36 -24.93 1.76
N LEU A 305 19.92 -24.71 0.52
CA LEU A 305 18.58 -25.13 0.13
C LEU A 305 18.51 -26.64 -0.28
N SER A 306 19.31 -27.01 -1.26
CA SER A 306 19.27 -28.37 -1.78
C SER A 306 19.72 -29.40 -0.72
N LYS A 307 20.95 -29.25 -0.15
CA LYS A 307 21.43 -30.21 0.84
C LYS A 307 20.77 -30.08 2.16
N GLY A 308 20.45 -28.85 2.56
CA GLY A 308 19.71 -28.69 3.78
C GLY A 308 18.43 -29.43 3.82
N LEU A 309 17.58 -29.21 2.81
CA LEU A 309 16.32 -29.94 2.73
C LEU A 309 16.47 -31.49 2.59
N ARG A 310 17.27 -31.92 1.63
CA ARG A 310 17.49 -33.34 1.40
C ARG A 310 18.12 -34.00 2.64
N HIS A 311 19.16 -33.40 3.23
CA HIS A 311 19.76 -34.00 4.46
C HIS A 311 18.75 -34.04 5.62
N TYR A 312 17.85 -33.05 5.67
CA TYR A 312 16.78 -33.03 6.66
C TYR A 312 15.72 -34.15 6.48
N PHE A 313 15.19 -34.31 5.28
CA PHE A 313 14.15 -35.32 5.06
C PHE A 313 14.67 -36.71 4.71
N ASP A 314 15.93 -36.79 4.32
CA ASP A 314 16.50 -38.07 3.87
C ASP A 314 17.98 -38.12 4.18
N GLY A 315 18.26 -38.02 5.47
CA GLY A 315 19.61 -37.89 5.94
C GLY A 315 20.47 -39.14 5.75
N SER A 316 19.85 -40.31 5.69
CA SER A 316 20.65 -41.55 5.48
C SER A 316 20.80 -41.86 4.00
N HIS A 317 20.17 -41.03 3.18
CA HIS A 317 20.18 -41.14 1.70
C HIS A 317 19.60 -42.47 1.24
N ILE A 318 18.40 -42.81 1.72
CA ILE A 318 17.81 -44.07 1.31
C ILE A 318 16.87 -43.96 0.14
N GLN A 319 16.49 -42.75 -0.25
CA GLN A 319 15.54 -42.75 -1.33
C GLN A 319 16.07 -41.92 -2.51
N ASP A 320 15.55 -42.10 -3.74
CA ASP A 320 16.06 -41.33 -4.90
C ASP A 320 15.83 -39.80 -4.77
N TYR A 321 16.65 -39.05 -5.45
CA TYR A 321 16.52 -37.60 -5.55
C TYR A 321 15.21 -37.21 -6.26
N ASP A 322 14.84 -37.96 -7.30
CA ASP A 322 13.60 -37.69 -8.01
C ASP A 322 12.43 -37.89 -7.08
N ALA A 323 12.52 -38.86 -6.18
CA ALA A 323 11.45 -39.05 -5.23
C ALA A 323 11.40 -37.85 -4.27
N PHE A 324 12.55 -37.33 -3.86
CA PHE A 324 12.53 -36.18 -2.97
C PHE A 324 11.92 -34.98 -3.68
N CYS A 325 12.32 -34.73 -4.93
CA CYS A 325 11.70 -33.64 -5.71
C CYS A 325 10.18 -33.75 -5.69
N ASP A 326 9.64 -34.98 -5.88
CA ASP A 326 8.18 -35.18 -5.92
C ASP A 326 7.53 -34.89 -4.58
N PHE A 327 8.20 -35.29 -3.49
CA PHE A 327 7.75 -35.09 -2.14
C PHE A 327 7.71 -33.56 -1.86
N ILE A 328 8.75 -32.83 -2.27
CA ILE A 328 9.00 -31.46 -1.76
C ILE A 328 8.37 -30.41 -2.66
N GLU A 329 7.97 -30.81 -3.86
CA GLU A 329 7.48 -29.92 -4.91
C GLU A 329 6.33 -29.02 -4.47
N PHE A 330 6.55 -27.72 -4.68
CA PHE A 330 5.47 -26.75 -4.59
C PHE A 330 4.66 -26.85 -5.89
N LYS A 331 3.43 -27.37 -5.82
CA LYS A 331 2.54 -27.48 -6.98
C LYS A 331 1.39 -26.48 -6.88
N HIS A 332 1.11 -25.81 -7.97
CA HIS A 332 -0.06 -24.93 -8.02
C HIS A 332 -0.51 -24.64 -9.45
N GLU A 333 -1.78 -24.97 -9.71
CA GLU A 333 -2.33 -24.74 -11.02
C GLU A 333 -2.57 -23.27 -11.39
N ASN A 334 -2.63 -22.40 -10.40
CA ASN A 334 -2.82 -20.96 -10.66
C ASN A 334 -1.48 -20.14 -10.68
N ILE A 335 -0.34 -20.81 -10.93
CA ILE A 335 0.90 -20.10 -11.16
C ILE A 335 1.47 -20.65 -12.43
N ILE A 336 1.88 -19.73 -13.32
CA ILE A 336 2.70 -20.01 -14.47
C ILE A 336 4.16 -19.72 -14.00
N MET A 337 4.93 -20.76 -13.93
CA MET A 337 6.22 -20.67 -13.18
C MET A 337 7.36 -20.24 -14.06
N ASN A 338 8.26 -19.41 -13.53
CA ASN A 338 9.57 -19.13 -14.15
C ASN A 338 9.38 -18.61 -15.59
N THR A 339 8.56 -17.58 -15.73
CA THR A 339 8.29 -17.05 -17.08
C THR A 339 9.46 -16.35 -17.73
N SER A 340 10.47 -15.99 -16.96
CA SER A 340 11.67 -15.44 -17.54
C SER A 340 12.39 -16.43 -18.50
N SER A 341 12.31 -17.72 -18.25
CA SER A 341 12.99 -18.70 -19.09
C SER A 341 12.36 -18.80 -20.46
N LEU A 342 11.21 -18.17 -20.60
CA LEU A 342 10.50 -18.00 -21.87
C LEU A 342 10.64 -16.59 -22.42
N THR A 343 11.55 -15.84 -21.86
CA THR A 343 11.75 -14.48 -22.23
C THR A 343 13.22 -14.14 -21.95
N ALA A 344 13.56 -13.44 -20.86
CA ALA A 344 14.97 -13.27 -20.47
C ALA A 344 15.25 -13.10 -19.00
N SER A 345 16.33 -13.73 -18.58
CA SER A 345 16.84 -13.63 -17.18
C SER A 345 17.19 -12.17 -16.84
N SER A 346 16.72 -11.72 -15.67
CA SER A 346 16.96 -10.34 -15.22
C SER A 346 18.41 -10.07 -14.77
N TRP A 347 19.26 -11.12 -14.64
CA TRP A 347 20.66 -11.01 -14.12
C TRP A 347 21.75 -11.92 -14.80
N ARG A 348 21.39 -12.81 -15.71
CA ARG A 348 22.40 -13.75 -16.29
C ARG A 348 23.22 -13.13 -17.44
N SER B 40 5.46 38.18 -0.47
CA SER B 40 4.70 38.06 -1.75
C SER B 40 4.05 39.31 -2.36
N GLY B 41 3.76 39.20 -3.66
CA GLY B 41 3.17 40.29 -4.49
C GLY B 41 1.81 39.95 -5.08
N HIS B 42 1.25 38.81 -4.69
CA HIS B 42 -0.03 38.32 -5.18
C HIS B 42 -0.59 37.28 -4.20
N VAL B 43 -1.89 37.10 -4.20
CA VAL B 43 -2.51 36.01 -3.50
C VAL B 43 -3.54 35.46 -4.44
N SER B 44 -3.99 34.26 -4.18
CA SER B 44 -4.99 33.63 -5.02
C SER B 44 -6.19 33.39 -4.13
N PHE B 45 -7.37 33.57 -4.70
CA PHE B 45 -8.61 33.21 -4.05
C PHE B 45 -9.68 32.84 -5.06
N ALA B 46 -10.45 31.80 -4.72
CA ALA B 46 -11.51 31.24 -5.55
C ALA B 46 -11.06 31.11 -7.00
N GLY B 47 -9.84 30.63 -7.17
CA GLY B 47 -9.30 30.38 -8.49
C GLY B 47 -8.74 31.54 -9.25
N ILE B 48 -8.74 32.75 -8.66
CA ILE B 48 -8.20 33.96 -9.30
C ILE B 48 -7.05 34.56 -8.47
N ASP B 49 -6.06 35.09 -9.18
CA ASP B 49 -4.90 35.70 -8.61
C ASP B 49 -5.13 37.22 -8.53
N TYR B 50 -4.73 37.79 -7.41
CA TYR B 50 -4.91 39.21 -7.18
C TYR B 50 -3.59 39.80 -6.76
N PRO B 51 -3.19 40.91 -7.36
CA PRO B 51 -1.98 41.55 -6.84
C PRO B 51 -2.15 42.15 -5.45
N LEU B 52 -1.05 42.20 -4.69
CA LEU B 52 -1.06 42.81 -3.39
C LEU B 52 -0.74 44.27 -3.63
N LEU B 53 -1.76 45.14 -3.66
CA LEU B 53 -1.55 46.51 -4.07
C LEU B 53 -1.11 47.40 -2.90
N PRO B 54 -0.18 48.35 -3.15
CA PRO B 54 0.32 49.20 -2.06
C PRO B 54 -0.65 50.29 -1.61
N LEU B 55 -0.78 50.47 -0.30
CA LEU B 55 -1.35 51.72 0.24
C LEU B 55 -0.20 52.44 0.86
N ASN B 56 0.36 53.43 0.17
CA ASN B 56 1.55 54.04 0.73
C ASN B 56 1.25 54.97 1.92
N HIS B 57 2.33 55.45 2.54
CA HIS B 57 2.25 56.31 3.74
C HIS B 57 1.53 57.64 3.55
N GLN B 58 1.22 58.04 2.32
CA GLN B 58 0.29 59.13 2.02
C GLN B 58 -1.15 58.83 2.45
N THR B 59 -1.58 57.57 2.22
CA THR B 59 -3.00 57.13 2.30
C THR B 59 -3.50 57.55 3.64
N PRO B 60 -4.54 58.38 3.67
CA PRO B 60 -4.98 58.90 4.95
C PRO B 60 -5.60 57.81 5.81
N LEU B 61 -5.42 57.92 7.12
CA LEU B 61 -6.29 57.23 8.07
C LEU B 61 -7.57 58.06 8.23
N VAL B 62 -8.69 57.40 8.48
CA VAL B 62 -9.97 58.10 8.74
C VAL B 62 -10.67 57.50 9.89
N PHE B 63 -10.91 58.30 10.91
CA PHE B 63 -11.79 57.99 12.02
C PHE B 63 -13.16 58.68 11.77
N GLN B 64 -14.13 58.27 12.58
CA GLN B 64 -15.52 58.70 12.44
C GLN B 64 -16.06 59.07 13.78
N TRP B 65 -16.78 60.18 13.87
CA TRP B 65 -17.56 60.49 15.06
C TRP B 65 -18.85 61.18 14.69
N PHE B 66 -19.92 60.37 14.67
CA PHE B 66 -21.27 60.84 14.39
C PHE B 66 -21.94 60.99 15.78
N GLU B 67 -22.36 62.19 16.10
CA GLU B 67 -22.76 62.46 17.44
C GLU B 67 -24.23 62.82 17.44
N ARG B 68 -25.02 61.94 18.07
CA ARG B 68 -26.48 62.15 18.08
C ARG B 68 -26.89 63.23 19.06
N ASN B 69 -26.15 63.42 20.17
CA ASN B 69 -26.51 64.41 21.19
C ASN B 69 -25.33 65.37 21.51
N PRO B 70 -24.95 66.25 20.57
CA PRO B 70 -23.79 67.11 20.85
C PRO B 70 -23.98 68.05 22.08
N ASP B 71 -25.22 68.38 22.45
CA ASP B 71 -25.46 69.16 23.69
C ASP B 71 -25.00 68.44 25.04
N ARG B 72 -24.61 67.18 24.97
CA ARG B 72 -23.97 66.55 26.11
C ARG B 72 -22.51 67.02 26.34
N PHE B 73 -21.95 67.70 25.35
CA PHE B 73 -20.64 68.35 25.49
C PHE B 73 -20.85 69.84 25.76
N GLY B 74 -19.84 70.47 26.36
CA GLY B 74 -19.80 71.88 26.63
C GLY B 74 -19.67 72.62 25.32
N GLN B 75 -20.13 73.86 25.26
CA GLN B 75 -20.21 74.42 23.87
C GLN B 75 -18.88 74.95 23.38
N ASN B 76 -17.83 74.92 24.18
CA ASN B 76 -16.41 75.04 23.71
C ASN B 76 -15.60 73.74 23.76
N GLU B 77 -16.25 72.59 23.91
CA GLU B 77 -15.57 71.33 24.07
C GLU B 77 -15.61 70.61 22.68
N ILE B 78 -14.54 69.89 22.36
CA ILE B 78 -14.57 69.08 21.18
C ILE B 78 -15.65 68.04 21.32
N PRO B 79 -16.61 67.97 20.40
CA PRO B 79 -17.76 67.07 20.68
C PRO B 79 -17.55 65.61 20.21
N ILE B 80 -16.47 65.01 20.71
CA ILE B 80 -16.10 63.66 20.40
C ILE B 80 -15.89 63.01 21.76
N ILE B 81 -16.47 61.85 21.92
CA ILE B 81 -16.39 61.14 23.16
C ILE B 81 -14.95 60.99 23.65
N ASN B 82 -14.76 61.25 24.95
CA ASN B 82 -13.39 61.20 25.51
C ASN B 82 -13.41 60.85 27.00
N THR B 83 -14.15 59.81 27.33
CA THR B 83 -14.24 59.33 28.72
C THR B 83 -13.14 58.33 29.06
N GLN B 84 -13.03 57.97 30.33
CA GLN B 84 -12.17 56.87 30.75
C GLN B 84 -12.47 55.54 30.01
N LYS B 85 -13.74 55.14 29.87
CA LYS B 85 -14.03 53.90 29.17
C LYS B 85 -14.01 54.03 27.64
N ASN B 86 -14.30 55.22 27.12
CA ASN B 86 -14.19 55.50 25.66
C ASN B 86 -13.33 56.74 25.39
N PRO B 87 -11.99 56.62 25.51
CA PRO B 87 -11.10 57.79 25.35
C PRO B 87 -10.83 58.09 23.86
N TYR B 88 -11.90 58.24 23.08
CA TYR B 88 -11.72 58.21 21.60
C TYR B 88 -11.00 59.42 20.97
N LEU B 89 -11.24 60.62 21.49
CA LEU B 89 -10.51 61.78 21.04
C LEU B 89 -9.00 61.59 21.31
N ASN B 90 -8.68 61.21 22.56
CA ASN B 90 -7.27 60.93 22.91
C ASN B 90 -6.65 59.86 22.01
N ASN B 91 -7.42 58.77 21.69
CA ASN B 91 -6.93 57.73 20.77
C ASN B 91 -6.65 58.29 19.41
N ILE B 92 -7.48 59.22 18.94
CA ILE B 92 -7.31 59.77 17.57
C ILE B 92 -6.06 60.66 17.54
N ILE B 93 -5.94 61.48 18.58
CA ILE B 93 -4.80 62.36 18.76
C ILE B 93 -3.54 61.54 18.80
N ASN B 94 -3.53 60.45 19.56
CA ASN B 94 -2.36 59.60 19.67
C ASN B 94 -1.96 58.97 18.35
N ALA B 95 -2.94 58.59 17.54
CA ALA B 95 -2.70 58.18 16.18
C ALA B 95 -2.14 59.24 15.31
N ALA B 96 -2.63 60.47 15.44
CA ALA B 96 -2.10 61.59 14.63
C ALA B 96 -0.60 61.89 14.99
N ILE B 97 -0.28 61.72 16.26
CA ILE B 97 1.07 61.93 16.80
C ILE B 97 2.03 60.86 16.17
N ILE B 98 1.65 59.60 16.24
CA ILE B 98 2.43 58.50 15.65
C ILE B 98 2.57 58.66 14.15
N GLU B 99 1.45 58.96 13.47
CA GLU B 99 1.46 59.08 12.05
C GLU B 99 1.65 60.54 11.60
N LYS B 100 2.75 61.16 12.00
CA LYS B 100 2.97 62.60 11.76
C LYS B 100 2.98 63.00 10.31
N GLU B 101 3.33 62.08 9.46
CA GLU B 101 3.54 62.35 8.05
C GLU B 101 2.31 62.02 7.23
N ARG B 102 1.21 61.59 7.86
CA ARG B 102 0.09 60.99 7.12
C ARG B 102 -1.18 61.89 7.23
N ILE B 103 -2.06 62.04 6.29
CA ILE B 103 -3.21 62.85 6.71
C ILE B 103 -4.10 61.99 7.64
N ILE B 104 -4.70 62.59 8.65
CA ILE B 104 -5.70 61.92 9.53
C ILE B 104 -7.07 62.59 9.44
N GLY B 105 -8.04 61.93 8.81
CA GLY B 105 -9.41 62.49 8.69
C GLY B 105 -10.24 62.14 9.93
N ILE B 106 -11.07 63.10 10.37
CA ILE B 106 -12.13 62.78 11.35
C ILE B 106 -13.43 63.14 10.62
N PHE B 107 -14.18 62.11 10.29
CA PHE B 107 -15.45 62.18 9.56
C PHE B 107 -16.54 62.30 10.58
N VAL B 108 -17.12 63.48 10.69
CA VAL B 108 -18.05 63.82 11.76
C VAL B 108 -19.42 64.20 11.23
N ASP B 109 -20.45 64.02 12.06
CA ASP B 109 -21.80 64.59 11.77
C ASP B 109 -22.49 64.76 13.09
N GLY B 110 -23.55 65.56 13.03
CA GLY B 110 -24.30 66.00 14.16
C GLY B 110 -24.55 67.51 14.23
N ASP B 111 -25.42 67.91 15.14
CA ASP B 111 -25.86 69.32 15.23
C ASP B 111 -24.96 70.12 16.20
N PHE B 112 -23.70 70.26 15.79
CA PHE B 112 -22.70 70.90 16.62
C PHE B 112 -22.91 72.40 16.72
N SER B 113 -22.66 72.97 17.89
CA SER B 113 -22.67 74.41 18.03
C SER B 113 -21.55 75.06 17.22
N LYS B 114 -21.64 76.37 17.11
CA LYS B 114 -20.56 77.17 16.56
C LYS B 114 -19.34 77.03 17.41
N GLY B 115 -19.52 77.08 18.72
CA GLY B 115 -18.41 76.91 19.67
C GLY B 115 -17.73 75.55 19.50
N GLN B 116 -18.53 74.54 19.19
CA GLN B 116 -18.04 73.20 19.02
C GLN B 116 -17.24 73.02 17.71
N ARG B 117 -17.70 73.64 16.64
CA ARG B 117 -16.99 73.68 15.42
C ARG B 117 -15.70 74.43 15.60
N LYS B 118 -15.72 75.54 16.36
CA LYS B 118 -14.48 76.25 16.61
C LYS B 118 -13.49 75.41 17.42
N ALA B 119 -13.95 74.63 18.41
CA ALA B 119 -13.06 73.70 19.12
C ALA B 119 -12.44 72.63 18.16
N LEU B 120 -13.21 72.13 17.21
CA LEU B 120 -12.71 71.20 16.19
C LEU B 120 -11.68 71.92 15.30
N GLY B 121 -11.93 73.19 14.97
CA GLY B 121 -10.93 74.03 14.25
C GLY B 121 -9.60 74.13 14.99
N LYS B 122 -9.71 74.25 16.29
CA LYS B 122 -8.56 74.35 17.17
C LYS B 122 -7.75 73.02 17.32
N LEU B 123 -8.44 71.89 17.30
CA LEU B 123 -7.76 70.60 17.18
C LEU B 123 -6.89 70.50 15.90
N GLU B 124 -7.40 71.00 14.80
CA GLU B 124 -6.71 71.05 13.53
C GLU B 124 -5.45 71.93 13.59
N GLN B 125 -5.54 73.03 14.35
CA GLN B 125 -4.44 73.92 14.58
C GLN B 125 -3.40 73.28 15.45
N ASN B 126 -3.81 72.50 16.45
CA ASN B 126 -2.90 71.81 17.36
C ASN B 126 -2.20 70.53 16.80
N TYR B 127 -2.84 69.89 15.84
CA TYR B 127 -2.26 68.73 15.15
C TYR B 127 -2.53 68.92 13.65
N ARG B 128 -1.52 69.43 12.94
CA ARG B 128 -1.69 69.93 11.57
C ARG B 128 -2.07 68.87 10.52
N ASN B 129 -1.80 67.60 10.87
CA ASN B 129 -2.24 66.49 10.05
C ASN B 129 -3.74 66.06 10.18
N ILE B 130 -4.41 66.50 11.24
CA ILE B 130 -5.88 66.20 11.42
C ILE B 130 -6.72 67.10 10.53
N LYS B 131 -7.66 66.51 9.80
CA LYS B 131 -8.61 67.19 8.96
C LYS B 131 -10.01 66.75 9.38
N VAL B 132 -10.82 67.70 9.90
CA VAL B 132 -12.21 67.43 10.33
C VAL B 132 -13.17 67.57 9.10
N ILE B 133 -13.82 66.46 8.72
CA ILE B 133 -14.66 66.46 7.51
C ILE B 133 -16.12 66.38 7.96
N TYR B 134 -16.84 67.45 7.73
CA TYR B 134 -18.27 67.51 8.03
C TYR B 134 -19.06 66.74 6.97
N ASN B 135 -19.84 65.75 7.42
CA ASN B 135 -20.69 64.94 6.49
C ASN B 135 -21.63 65.84 5.68
N SER B 136 -22.07 66.94 6.28
CA SER B 136 -22.97 67.91 5.56
C SER B 136 -22.31 68.57 4.33
N ASP B 137 -20.96 68.51 4.26
CA ASP B 137 -20.16 69.06 3.12
C ASP B 137 -19.93 68.13 2.00
N LEU B 138 -20.45 66.91 2.07
CA LEU B 138 -20.28 65.96 1.03
C LEU B 138 -21.64 65.62 0.38
N ASN B 139 -21.62 65.36 -0.90
CA ASN B 139 -22.81 65.07 -1.74
C ASN B 139 -22.78 63.59 -2.13
N TYR B 140 -23.77 62.83 -1.68
CA TYR B 140 -23.93 61.37 -1.95
C TYR B 140 -25.12 61.05 -2.87
N SER B 141 -25.58 62.06 -3.59
CA SER B 141 -26.80 61.88 -4.41
C SER B 141 -26.57 60.86 -5.49
N MET B 142 -25.34 60.70 -5.97
CA MET B 142 -25.05 59.76 -7.04
C MET B 142 -25.11 58.29 -6.54
N TYR B 143 -25.18 58.09 -5.22
CA TYR B 143 -25.30 56.74 -4.65
C TYR B 143 -26.68 56.35 -4.10
N ASP B 144 -27.63 57.25 -4.25
CA ASP B 144 -28.84 57.21 -3.50
C ASP B 144 -29.94 56.55 -4.35
N LYS B 145 -31.05 56.21 -3.70
CA LYS B 145 -32.21 55.63 -4.36
C LYS B 145 -33.42 55.76 -3.49
N LYS B 146 -34.59 56.02 -4.09
CA LYS B 146 -35.81 56.15 -3.33
C LYS B 146 -36.23 54.80 -2.80
N LEU B 147 -36.75 54.81 -1.59
CA LEU B 147 -37.29 53.61 -0.95
C LEU B 147 -38.54 53.10 -1.73
N THR B 148 -39.39 54.01 -2.20
CA THR B 148 -40.56 53.58 -3.05
C THR B 148 -40.11 52.77 -4.23
N THR B 149 -39.00 53.21 -4.80
CA THR B 149 -38.47 52.53 -5.94
C THR B 149 -38.05 51.09 -5.62
N ILE B 150 -37.25 50.95 -4.57
CA ILE B 150 -36.77 49.65 -4.14
C ILE B 150 -37.96 48.74 -3.79
N TYR B 151 -38.93 49.26 -3.06
CA TYR B 151 -40.08 48.43 -2.66
C TYR B 151 -40.94 48.03 -3.90
N LEU B 152 -41.25 49.00 -4.73
CA LEU B 152 -42.05 48.68 -5.93
C LEU B 152 -41.35 47.62 -6.83
N GLU B 153 -40.03 47.70 -6.96
CA GLU B 153 -39.25 46.74 -7.77
C GLU B 153 -39.32 45.32 -7.13
N ASN B 154 -39.18 45.24 -5.82
CA ASN B 154 -39.26 43.95 -5.15
C ASN B 154 -40.68 43.36 -5.18
N ILE B 155 -41.70 44.18 -5.06
CA ILE B 155 -43.10 43.77 -5.17
C ILE B 155 -43.39 43.20 -6.55
N THR B 156 -42.95 43.91 -7.61
CA THR B 156 -43.10 43.46 -8.98
C THR B 156 -42.50 42.07 -9.17
N LYS B 157 -41.24 41.92 -8.77
CA LYS B 157 -40.49 40.69 -8.86
C LYS B 157 -41.15 39.50 -8.14
N LEU B 158 -41.59 39.75 -6.89
CA LEU B 158 -42.37 38.78 -6.12
C LEU B 158 -43.74 38.40 -6.76
N GLU B 159 -44.52 39.41 -7.16
CA GLU B 159 -45.83 39.16 -7.85
C GLU B 159 -45.73 38.46 -9.23
N ALA B 160 -44.57 38.50 -9.89
CA ALA B 160 -44.30 37.72 -11.11
C ALA B 160 -44.03 36.25 -10.83
N GLN B 161 -43.54 35.95 -9.63
CA GLN B 161 -43.41 34.57 -9.18
C GLN B 161 -44.81 34.01 -8.80
N SER B 162 -45.03 32.70 -8.99
CA SER B 162 -46.31 32.07 -8.64
C SER B 162 -46.55 32.11 -7.16
N ALA B 163 -47.83 32.09 -6.79
CA ALA B 163 -48.21 32.13 -5.38
C ALA B 163 -47.63 30.92 -4.65
N SER B 164 -47.55 29.77 -5.34
CA SER B 164 -47.07 28.57 -4.70
C SER B 164 -45.53 28.45 -4.67
N GLU B 165 -44.83 29.34 -5.39
CA GLU B 165 -43.39 29.46 -5.45
C GLU B 165 -42.88 30.42 -4.38
N ARG B 166 -43.57 31.55 -4.20
CA ARG B 166 -42.92 32.72 -3.63
C ARG B 166 -42.98 32.87 -2.11
N ASP B 167 -42.17 33.79 -1.61
CA ASP B 167 -42.15 34.20 -0.19
C ASP B 167 -43.22 35.21 0.04
N GLU B 168 -44.39 34.69 0.36
CA GLU B 168 -45.55 35.52 0.54
C GLU B 168 -45.44 36.46 1.75
N VAL B 169 -44.75 36.01 2.80
CA VAL B 169 -44.50 36.77 4.03
C VAL B 169 -43.64 38.03 3.73
N LEU B 170 -42.54 37.83 3.04
CA LEU B 170 -41.74 38.91 2.45
C LEU B 170 -42.58 39.83 1.60
N LEU B 171 -43.37 39.26 0.68
CA LEU B 171 -44.16 40.08 -0.18
C LEU B 171 -45.05 40.96 0.65
N ASN B 172 -45.75 40.38 1.67
CA ASN B 172 -46.57 41.19 2.58
C ASN B 172 -45.81 42.25 3.42
N GLY B 173 -44.62 41.92 3.89
CA GLY B 173 -43.80 42.84 4.61
C GLY B 173 -43.37 44.05 3.80
N VAL B 174 -42.96 43.80 2.56
CA VAL B 174 -42.56 44.87 1.62
C VAL B 174 -43.74 45.80 1.32
N LYS B 175 -44.90 45.23 1.07
CA LYS B 175 -46.10 46.04 0.87
C LYS B 175 -46.39 46.95 2.07
N LYS B 176 -46.26 46.42 3.28
CA LYS B 176 -46.47 47.24 4.44
C LYS B 176 -45.38 48.34 4.58
N SER B 177 -44.12 48.03 4.35
CA SER B 177 -43.09 49.05 4.31
C SER B 177 -43.40 50.13 3.26
N LEU B 178 -43.84 49.70 2.08
CA LEU B 178 -44.25 50.70 1.08
C LEU B 178 -45.34 51.65 1.64
N GLU B 179 -46.40 51.08 2.24
CA GLU B 179 -47.49 51.85 2.81
C GLU B 179 -47.00 52.91 3.81
N ASP B 180 -46.10 52.47 4.69
CA ASP B 180 -45.55 53.35 5.72
C ASP B 180 -44.79 54.51 5.14
N VAL B 181 -43.91 54.24 4.18
CA VAL B 181 -43.21 55.32 3.48
C VAL B 181 -44.19 56.28 2.76
N LEU B 182 -45.15 55.74 2.02
CA LEU B 182 -46.16 56.61 1.36
C LEU B 182 -46.96 57.48 2.31
N LYS B 183 -47.27 56.95 3.50
CA LYS B 183 -48.01 57.69 4.50
C LYS B 183 -47.14 58.75 5.20
N ASN B 184 -45.85 58.46 5.42
CA ASN B 184 -45.03 59.32 6.27
C ASN B 184 -44.14 60.25 5.49
N ASN B 185 -43.43 59.72 4.49
CA ASN B 185 -42.60 60.54 3.62
C ASN B 185 -42.26 59.81 2.32
N PRO B 186 -43.02 60.13 1.24
CA PRO B 186 -42.88 59.42 -0.01
C PRO B 186 -41.55 59.62 -0.72
N GLU B 187 -40.85 60.69 -0.42
CA GLU B 187 -39.54 60.94 -1.01
C GLU B 187 -38.39 60.32 -0.18
N GLU B 188 -38.67 59.59 0.89
CA GLU B 188 -37.62 58.93 1.67
C GLU B 188 -36.68 58.15 0.76
N THR B 189 -35.37 58.34 0.96
CA THR B 189 -34.35 57.65 0.20
C THR B 189 -33.55 56.69 1.12
N LEU B 190 -32.74 55.84 0.50
CA LEU B 190 -31.80 55.00 1.29
C LEU B 190 -31.00 55.82 2.25
N ILE B 191 -30.46 56.89 1.69
CA ILE B 191 -29.65 57.80 2.47
C ILE B 191 -30.44 58.57 3.51
N SER B 192 -31.57 59.14 3.17
CA SER B 192 -32.28 59.95 4.13
C SER B 192 -32.82 59.07 5.28
N SER B 193 -33.06 57.80 4.97
CA SER B 193 -33.54 56.84 5.94
C SER B 193 -32.50 56.37 6.96
N HIS B 194 -31.21 56.47 6.64
CA HIS B 194 -30.13 56.07 7.60
C HIS B 194 -29.63 57.30 8.34
N ASN B 195 -30.57 57.89 9.09
CA ASN B 195 -30.36 59.16 9.81
C ASN B 195 -30.06 58.87 11.30
N LYS B 196 -29.82 59.91 12.07
CA LYS B 196 -29.40 59.80 13.48
C LYS B 196 -30.39 59.11 14.39
N ASP B 197 -31.66 59.12 13.99
CA ASP B 197 -32.67 58.36 14.73
C ASP B 197 -32.54 56.83 14.56
N LYS B 198 -31.65 56.34 13.68
CA LYS B 198 -31.51 54.92 13.47
C LYS B 198 -30.36 54.28 14.24
N GLY B 199 -29.88 54.93 15.29
CA GLY B 199 -28.74 54.38 16.06
C GLY B 199 -27.51 54.10 15.19
N HIS B 200 -26.98 52.90 15.28
CA HIS B 200 -25.68 52.59 14.68
C HIS B 200 -25.75 52.58 13.15
N LEU B 201 -26.94 52.37 12.60
CA LEU B 201 -27.14 52.48 11.16
C LEU B 201 -26.71 53.78 10.56
N TRP B 202 -26.89 54.87 11.31
CA TRP B 202 -26.48 56.20 10.86
C TRP B 202 -25.00 56.25 10.45
N PHE B 203 -24.12 55.97 11.40
CA PHE B 203 -22.68 55.96 11.11
C PHE B 203 -22.22 54.82 10.22
N ASP B 204 -22.81 53.64 10.36
CA ASP B 204 -22.37 52.49 9.53
C ASP B 204 -22.64 52.73 8.08
N PHE B 205 -23.82 53.30 7.79
CA PHE B 205 -24.22 53.55 6.40
C PHE B 205 -23.31 54.60 5.76
N TYR B 206 -23.16 55.72 6.43
CA TYR B 206 -22.34 56.86 5.88
C TYR B 206 -20.85 56.52 5.81
N ARG B 207 -20.39 55.64 6.69
CA ARG B 207 -18.98 55.19 6.61
C ARG B 207 -18.67 54.55 5.25
N ASN B 208 -19.60 53.66 4.79
CA ASN B 208 -19.46 52.96 3.51
C ASN B 208 -19.53 53.93 2.34
N LEU B 209 -20.44 54.90 2.45
CA LEU B 209 -20.49 56.00 1.45
C LEU B 209 -19.16 56.78 1.43
N PHE B 210 -18.61 57.08 2.62
CA PHE B 210 -17.32 57.75 2.68
C PHE B 210 -16.21 56.94 1.97
N LEU B 211 -16.19 55.64 2.21
CA LEU B 211 -15.21 54.76 1.56
C LEU B 211 -15.34 54.70 0.02
N LEU B 212 -16.55 54.82 -0.52
CA LEU B 212 -16.77 55.01 -1.93
C LEU B 212 -16.05 56.26 -2.47
N LYS B 213 -16.13 57.38 -1.77
CA LYS B 213 -15.46 58.60 -2.23
C LYS B 213 -13.95 58.50 -2.07
N GLY B 214 -13.48 57.86 -0.98
CA GLY B 214 -12.06 57.73 -0.70
C GLY B 214 -11.40 59.07 -0.39
N SER B 215 -10.13 59.17 -0.71
CA SER B 215 -9.31 60.41 -0.54
C SER B 215 -9.94 61.67 -1.06
N ASP B 216 -10.62 61.54 -2.19
CA ASP B 216 -11.31 62.68 -2.78
C ASP B 216 -12.31 63.37 -1.88
N ALA B 217 -12.88 62.64 -0.92
CA ALA B 217 -13.73 63.29 0.09
C ALA B 217 -13.02 64.50 0.80
N PHE B 218 -11.71 64.44 1.04
CA PHE B 218 -10.99 65.52 1.71
C PHE B 218 -11.06 66.78 0.82
N LEU B 219 -10.85 66.60 -0.47
CA LEU B 219 -10.92 67.69 -1.45
C LEU B 219 -12.35 68.25 -1.59
N GLU B 220 -13.30 67.32 -1.80
CA GLU B 220 -14.72 67.71 -1.88
C GLU B 220 -15.21 68.50 -0.66
N ALA B 221 -14.78 68.16 0.56
CA ALA B 221 -15.15 68.93 1.72
C ALA B 221 -14.39 70.24 1.93
N GLY B 222 -13.48 70.59 1.02
CA GLY B 222 -12.76 71.85 1.04
C GLY B 222 -11.64 71.90 2.04
N LYS B 223 -11.05 70.74 2.38
CA LYS B 223 -10.06 70.74 3.45
C LYS B 223 -8.76 71.20 2.91
N PRO B 224 -8.07 72.06 3.67
CA PRO B 224 -6.79 72.59 3.16
C PRO B 224 -5.64 71.62 3.43
N GLY B 225 -4.63 71.71 2.56
CA GLY B 225 -3.40 70.91 2.73
C GLY B 225 -3.63 69.47 2.41
N CYS B 226 -4.55 69.21 1.48
CA CYS B 226 -4.84 67.84 1.08
C CYS B 226 -4.46 67.57 -0.35
N HIS B 227 -3.75 68.50 -0.99
CA HIS B 227 -3.48 68.37 -2.42
C HIS B 227 -2.38 67.37 -2.74
N HIS B 228 -1.66 66.86 -1.75
CA HIS B 228 -0.73 65.76 -2.07
C HIS B 228 -1.41 64.38 -1.99
N LEU B 229 -2.67 64.33 -1.61
CA LEU B 229 -3.41 63.05 -1.68
C LEU B 229 -3.51 62.68 -3.17
N GLN B 230 -3.37 61.39 -3.47
CA GLN B 230 -3.59 60.86 -4.80
C GLN B 230 -5.04 61.06 -5.29
N PRO B 231 -5.19 61.58 -6.50
CA PRO B 231 -6.52 61.73 -7.01
C PRO B 231 -7.19 60.35 -7.17
N GLY B 232 -8.43 60.29 -6.73
CA GLY B 232 -9.15 58.99 -6.69
C GLY B 232 -8.52 57.90 -5.82
N GLY B 233 -7.73 58.32 -4.84
CA GLY B 233 -7.07 57.45 -3.95
C GLY B 233 -7.97 56.94 -2.84
N GLY B 234 -7.34 56.14 -2.00
CA GLY B 234 -7.98 55.45 -0.91
C GLY B 234 -7.90 56.01 0.49
N CYS B 235 -8.29 55.18 1.46
CA CYS B 235 -8.10 55.53 2.84
C CYS B 235 -8.17 54.30 3.68
N ILE B 236 -7.78 54.47 4.94
CA ILE B 236 -7.73 53.40 5.92
C ILE B 236 -8.65 53.86 7.04
N TYR B 237 -9.86 53.31 7.02
CA TYR B 237 -10.88 53.58 8.06
C TYR B 237 -10.57 52.75 9.28
N LEU B 238 -10.56 53.37 10.45
CA LEU B 238 -10.44 52.67 11.72
C LEU B 238 -11.48 53.19 12.70
N ASP B 239 -12.10 52.25 13.44
CA ASP B 239 -12.80 52.57 14.69
C ASP B 239 -11.79 53.28 15.62
N ALA B 240 -12.30 54.23 16.41
CA ALA B 240 -11.48 55.05 17.32
C ALA B 240 -10.85 54.27 18.49
N ASP B 241 -11.31 53.04 18.73
CA ASP B 241 -10.62 52.17 19.71
C ASP B 241 -9.59 51.17 19.09
N MET B 242 -9.26 51.30 17.79
CA MET B 242 -8.18 50.58 17.14
C MET B 242 -6.87 51.36 17.41
N LEU B 243 -6.16 50.92 18.45
CA LEU B 243 -5.03 51.72 19.03
C LEU B 243 -3.76 51.43 18.31
N LEU B 244 -3.20 52.46 17.71
CA LEU B 244 -1.91 52.37 17.07
C LEU B 244 -0.84 52.36 18.17
N THR B 245 0.08 51.39 18.08
CA THR B 245 1.25 51.43 19.00
C THR B 245 2.51 51.86 18.28
N ASP B 246 2.52 51.83 16.96
CA ASP B 246 3.61 52.36 16.12
C ASP B 246 3.10 52.65 14.75
N LYS B 247 3.97 53.18 13.87
CA LYS B 247 3.57 53.52 12.52
C LYS B 247 3.09 52.36 11.74
N LEU B 248 2.14 52.57 10.85
CA LEU B 248 1.65 51.51 10.01
C LEU B 248 2.51 51.19 8.82
N GLY B 249 3.32 52.13 8.38
CA GLY B 249 4.06 52.00 7.14
C GLY B 249 3.17 51.81 5.93
N THR B 250 3.73 51.17 4.91
CA THR B 250 3.06 50.92 3.65
C THR B 250 2.32 49.56 3.80
N LEU B 251 1.09 49.48 3.31
CA LEU B 251 0.26 48.26 3.39
C LEU B 251 0.15 47.65 2.01
N TYR B 252 -0.08 46.36 1.97
CA TYR B 252 -0.20 45.64 0.73
C TYR B 252 -1.44 44.79 0.87
N LEU B 253 -2.48 45.13 0.12
CA LEU B 253 -3.79 44.53 0.25
C LEU B 253 -4.22 43.86 -1.03
N PRO B 254 -4.96 42.76 -0.93
CA PRO B 254 -5.41 42.06 -2.15
C PRO B 254 -6.39 42.90 -2.95
N ASP B 255 -6.10 43.11 -4.22
CA ASP B 255 -6.92 43.99 -5.04
C ASP B 255 -7.14 45.37 -4.34
N GLY B 256 -6.20 45.77 -3.49
CA GLY B 256 -6.31 47.03 -2.77
C GLY B 256 -7.45 47.13 -1.77
N ILE B 257 -7.89 46.02 -1.21
CA ILE B 257 -8.93 46.10 -0.14
C ILE B 257 -8.66 45.12 1.01
N ALA B 258 -8.98 45.52 2.24
CA ALA B 258 -8.96 44.60 3.39
C ALA B 258 -9.89 45.11 4.46
N ILE B 259 -10.33 44.20 5.34
CA ILE B 259 -11.34 44.47 6.32
C ILE B 259 -10.94 43.77 7.61
N HIS B 260 -11.40 44.28 8.73
CA HIS B 260 -11.26 43.66 10.03
C HIS B 260 -11.88 42.20 10.06
N VAL B 261 -11.16 41.32 10.75
CA VAL B 261 -11.70 40.04 11.13
C VAL B 261 -11.51 39.81 12.61
N SER B 262 -12.53 39.35 13.29
CA SER B 262 -12.35 38.95 14.70
C SER B 262 -12.07 37.45 14.81
N ARG B 263 -11.27 37.11 15.79
CA ARG B 263 -10.96 35.73 16.06
C ARG B 263 -11.22 35.47 17.51
N LYS B 264 -12.40 34.94 17.78
CA LYS B 264 -12.74 34.60 19.14
C LYS B 264 -13.74 33.47 19.21
N ASP B 265 -13.66 32.58 20.20
CA ASP B 265 -12.42 32.20 20.83
C ASP B 265 -11.65 31.49 19.68
N ASN B 266 -12.38 30.63 18.97
CA ASN B 266 -11.94 30.00 17.73
C ASN B 266 -13.00 30.04 16.58
N HIS B 267 -13.72 31.14 16.31
CA HIS B 267 -14.58 31.18 15.05
C HIS B 267 -13.84 32.17 14.19
N VAL B 268 -14.12 32.33 12.92
CA VAL B 268 -13.59 33.57 12.35
C VAL B 268 -14.76 34.38 11.78
N SER B 269 -14.79 35.70 11.98
CA SER B 269 -15.79 36.50 11.24
C SER B 269 -15.29 37.81 10.65
N LEU B 270 -15.87 38.20 9.53
CA LEU B 270 -15.77 39.55 9.02
C LEU B 270 -16.38 40.50 10.00
N GLU B 271 -15.80 41.69 10.10
CA GLU B 271 -16.34 42.70 10.98
C GLU B 271 -16.14 44.01 10.37
N ASN B 272 -16.97 44.94 10.81
CA ASN B 272 -16.75 46.27 10.56
C ASN B 272 -15.60 46.69 11.53
N GLY B 273 -15.03 47.84 11.30
CA GLY B 273 -14.16 48.45 12.27
C GLY B 273 -12.80 48.81 11.70
N ILE B 274 -12.37 48.09 10.69
CA ILE B 274 -11.25 48.50 9.85
C ILE B 274 -11.73 48.23 8.41
N ILE B 275 -11.66 49.24 7.55
CA ILE B 275 -11.89 49.10 6.14
C ILE B 275 -10.84 49.96 5.39
N ALA B 276 -10.00 49.29 4.63
CA ALA B 276 -8.91 49.91 3.89
C ALA B 276 -9.13 49.67 2.40
N VAL B 277 -9.10 50.72 1.57
CA VAL B 277 -9.20 50.64 0.13
C VAL B 277 -8.07 51.47 -0.46
N ASN B 278 -7.58 51.08 -1.63
CA ASN B 278 -6.51 51.85 -2.32
C ASN B 278 -7.03 52.81 -3.35
N ARG B 279 -8.34 52.81 -3.57
CA ARG B 279 -8.95 53.63 -4.58
C ARG B 279 -10.41 53.95 -4.27
N SER B 280 -10.93 55.01 -4.89
CA SER B 280 -12.35 55.32 -4.89
C SER B 280 -13.20 54.27 -5.60
N GLU B 281 -14.46 54.21 -5.24
CA GLU B 281 -15.45 53.28 -5.79
C GLU B 281 -14.89 51.89 -6.02
N HIS B 282 -14.23 51.35 -5.00
CA HIS B 282 -13.73 49.97 -5.06
C HIS B 282 -14.89 49.06 -5.56
N PRO B 283 -14.66 48.25 -6.63
CA PRO B 283 -15.81 47.47 -7.18
C PRO B 283 -16.47 46.50 -6.16
N ALA B 284 -15.71 45.99 -5.20
CA ALA B 284 -16.31 45.25 -4.07
C ALA B 284 -17.32 46.08 -3.26
N LEU B 285 -16.99 47.36 -2.95
CA LEU B 285 -17.97 48.21 -2.27
C LEU B 285 -19.09 48.61 -3.22
N ILE B 286 -18.82 48.77 -4.50
CA ILE B 286 -19.87 49.09 -5.50
C ILE B 286 -20.89 47.96 -5.59
N LYS B 287 -20.37 46.73 -5.60
CA LYS B 287 -21.22 45.53 -5.56
C LYS B 287 -22.10 45.49 -4.33
N GLY B 288 -21.54 45.78 -3.15
CA GLY B 288 -22.34 45.96 -1.94
C GLY B 288 -23.42 46.99 -2.10
N LEU B 289 -23.10 48.14 -2.67
CA LEU B 289 -24.12 49.20 -2.83
C LEU B 289 -25.25 48.70 -3.76
N GLU B 290 -24.89 47.96 -4.79
CA GLU B 290 -25.91 47.37 -5.72
C GLU B 290 -26.83 46.44 -4.95
N ILE B 291 -26.33 45.71 -3.96
CA ILE B 291 -27.20 44.90 -3.09
C ILE B 291 -28.12 45.79 -2.24
N MET B 292 -27.54 46.81 -1.62
CA MET B 292 -28.34 47.83 -0.96
C MET B 292 -29.47 48.45 -1.83
N HIS B 293 -29.20 48.62 -3.13
CA HIS B 293 -30.19 49.24 -4.02
C HIS B 293 -31.27 48.23 -4.47
N SER B 294 -31.03 46.94 -4.32
CA SER B 294 -31.97 45.92 -4.81
C SER B 294 -32.70 45.19 -3.67
N LYS B 295 -32.09 45.14 -2.48
CA LYS B 295 -32.70 44.44 -1.35
C LYS B 295 -33.57 45.35 -0.53
N PRO B 296 -34.78 44.87 -0.15
CA PRO B 296 -35.48 45.63 0.83
C PRO B 296 -34.75 45.20 2.16
N TYR B 297 -34.61 46.15 3.02
CA TYR B 297 -33.96 45.97 4.32
C TYR B 297 -32.48 45.68 4.23
N GLY B 298 -31.80 46.12 3.18
CA GLY B 298 -30.35 46.02 3.12
C GLY B 298 -29.63 46.63 4.38
N ASP B 299 -28.73 45.86 4.96
CA ASP B 299 -27.96 46.27 6.14
C ASP B 299 -26.49 46.62 5.77
N PRO B 300 -25.98 47.78 6.24
CA PRO B 300 -24.62 48.14 5.82
C PRO B 300 -23.56 47.07 6.15
N TYR B 301 -23.68 46.41 7.28
CA TYR B 301 -22.74 45.36 7.61
C TYR B 301 -22.99 44.07 6.84
N ASN B 302 -24.17 43.51 7.06
CA ASN B 302 -24.50 42.15 6.61
C ASN B 302 -24.57 42.06 5.07
N ASP B 303 -25.14 43.11 4.48
CA ASP B 303 -25.37 43.16 3.02
C ASP B 303 -24.32 43.92 2.27
N TRP B 304 -24.08 45.21 2.59
CA TRP B 304 -23.12 46.01 1.78
C TRP B 304 -21.66 45.49 1.92
N LEU B 305 -21.23 45.35 3.16
CA LEU B 305 -19.83 44.96 3.41
C LEU B 305 -19.58 43.44 3.25
N SER B 306 -20.32 42.64 3.99
CA SER B 306 -20.08 41.19 4.01
C SER B 306 -20.45 40.49 2.70
N LYS B 307 -21.70 40.65 2.24
CA LYS B 307 -22.07 40.07 0.94
C LYS B 307 -21.43 40.75 -0.20
N GLY B 308 -21.31 42.08 -0.16
CA GLY B 308 -20.65 42.76 -1.25
C GLY B 308 -19.24 42.27 -1.49
N LEU B 309 -18.40 42.19 -0.46
CA LEU B 309 -17.07 41.66 -0.59
C LEU B 309 -17.02 40.15 -1.01
N ARG B 310 -17.80 39.34 -0.35
CA ARG B 310 -17.77 37.90 -0.61
C ARG B 310 -18.41 37.60 -1.99
N HIS B 311 -19.48 38.30 -2.39
CA HIS B 311 -20.07 38.08 -3.74
C HIS B 311 -19.09 38.53 -4.84
N TYR B 312 -18.38 39.63 -4.56
CA TYR B 312 -17.29 40.10 -5.40
C TYR B 312 -16.09 39.12 -5.60
N PHE B 313 -15.51 38.66 -4.49
CA PHE B 313 -14.36 37.75 -4.58
C PHE B 313 -14.68 36.26 -4.77
N ASP B 314 -15.87 35.83 -4.39
CA ASP B 314 -16.24 34.43 -4.55
C ASP B 314 -17.69 34.35 -4.92
N GLY B 315 -18.01 34.90 -6.06
CA GLY B 315 -19.39 34.98 -6.50
C GLY B 315 -20.06 33.63 -6.73
N SER B 316 -19.29 32.60 -7.06
CA SER B 316 -19.87 31.23 -7.25
C SER B 316 -19.94 30.39 -5.98
N HIS B 317 -19.42 30.95 -4.89
CA HIS B 317 -19.36 30.30 -3.56
C HIS B 317 -18.66 28.97 -3.66
N ILE B 318 -17.44 29.01 -4.20
CA ILE B 318 -16.63 27.81 -4.21
C ILE B 318 -15.67 27.68 -3.04
N GLN B 319 -15.55 28.71 -2.20
CA GLN B 319 -14.71 28.63 -1.03
C GLN B 319 -15.51 28.89 0.22
N ASP B 320 -14.99 28.44 1.34
CA ASP B 320 -15.64 28.72 2.59
C ASP B 320 -15.35 30.12 3.09
N TYR B 321 -16.26 30.54 3.95
CA TYR B 321 -16.26 31.82 4.62
C TYR B 321 -14.92 32.04 5.34
N ASP B 322 -14.45 31.01 6.05
CA ASP B 322 -13.19 31.09 6.82
C ASP B 322 -12.02 31.37 5.90
N ALA B 323 -12.00 30.75 4.74
CA ALA B 323 -10.95 31.03 3.80
C ALA B 323 -11.04 32.49 3.32
N PHE B 324 -12.26 32.97 3.05
CA PHE B 324 -12.43 34.35 2.62
C PHE B 324 -11.93 35.32 3.69
N CYS B 325 -12.30 35.07 4.94
CA CYS B 325 -11.79 35.88 6.08
C CYS B 325 -10.28 36.00 6.08
N ASP B 326 -9.60 34.86 5.85
CA ASP B 326 -8.15 34.81 5.87
C ASP B 326 -7.57 35.61 4.71
N PHE B 327 -8.22 35.55 3.54
CA PHE B 327 -7.85 36.28 2.37
C PHE B 327 -8.02 37.78 2.60
N ILE B 328 -9.15 38.19 3.21
CA ILE B 328 -9.56 39.65 3.21
C ILE B 328 -9.06 40.36 4.44
N GLU B 329 -8.57 39.58 5.42
CA GLU B 329 -8.14 40.12 6.74
C GLU B 329 -7.15 41.25 6.71
N PHE B 330 -7.52 42.35 7.34
CA PHE B 330 -6.57 43.43 7.57
C PHE B 330 -5.72 43.01 8.77
N LYS B 331 -4.44 42.71 8.53
CA LYS B 331 -3.47 42.36 9.61
C LYS B 331 -2.47 43.48 9.86
N HIS B 332 -2.24 43.78 11.14
CA HIS B 332 -1.19 44.72 11.50
C HIS B 332 -0.75 44.54 12.96
N GLU B 333 0.53 44.23 13.10
CA GLU B 333 1.10 44.08 14.44
C GLU B 333 1.11 45.33 15.32
N ASN B 334 1.04 46.49 14.67
CA ASN B 334 1.05 47.77 15.39
C ASN B 334 -0.34 48.34 15.72
N ILE B 335 -1.39 47.51 15.70
CA ILE B 335 -2.70 47.93 16.16
C ILE B 335 -3.17 46.96 17.17
N ILE B 336 -3.75 47.47 18.27
CA ILE B 336 -4.47 46.71 19.24
C ILE B 336 -5.92 46.95 18.88
N MET B 337 -6.58 45.89 18.44
CA MET B 337 -7.86 46.05 17.72
C MET B 337 -9.06 45.99 18.69
N ASN B 338 -10.08 46.79 18.43
CA ASN B 338 -11.36 46.68 19.13
C ASN B 338 -11.18 46.68 20.64
N THR B 339 -10.48 47.69 21.15
CA THR B 339 -10.25 47.79 22.59
C THR B 339 -11.49 48.06 23.38
N SER B 340 -12.55 48.57 22.76
CA SER B 340 -13.80 48.73 23.46
C SER B 340 -14.35 47.37 23.95
N SER B 341 -14.09 46.31 23.25
CA SER B 341 -14.61 45.00 23.67
C SER B 341 -13.97 44.56 24.96
N LEU B 342 -12.98 45.30 25.38
CA LEU B 342 -12.42 45.12 26.71
C LEU B 342 -12.93 46.14 27.72
N THR B 343 -13.66 47.15 27.25
CA THR B 343 -14.11 48.24 28.09
C THR B 343 -15.36 49.04 27.56
N ALA B 344 -16.56 48.51 27.56
CA ALA B 344 -17.74 49.30 27.15
C ALA B 344 -17.80 49.82 25.71
N SER B 345 -18.70 49.24 24.96
CA SER B 345 -19.10 49.73 23.66
C SER B 345 -19.64 51.17 23.78
N SER B 346 -19.26 52.02 22.86
CA SER B 346 -19.70 53.40 22.90
C SER B 346 -21.17 53.72 22.61
N TRP B 347 -21.89 52.84 21.91
CA TRP B 347 -23.32 52.98 21.58
C TRP B 347 -24.23 51.82 21.91
N ARG B 348 -23.70 50.70 22.32
CA ARG B 348 -24.52 49.55 22.65
C ARG B 348 -25.10 49.63 24.07
N GLY C 41 -26.87 2.61 -0.28
CA GLY C 41 -25.85 2.04 -1.22
C GLY C 41 -24.79 3.03 -1.73
N HIS C 42 -25.21 4.17 -2.27
CA HIS C 42 -24.26 5.14 -2.88
C HIS C 42 -24.75 6.60 -2.82
N VAL C 43 -23.83 7.55 -3.04
CA VAL C 43 -24.17 8.96 -3.15
C VAL C 43 -23.36 9.49 -4.30
N SER C 44 -23.87 10.51 -4.98
CA SER C 44 -23.18 11.10 -6.13
C SER C 44 -22.66 12.50 -5.77
N PHE C 45 -21.45 12.80 -6.17
CA PHE C 45 -20.97 14.17 -6.06
C PHE C 45 -20.06 14.55 -7.20
N ALA C 46 -20.39 15.71 -7.80
CA ALA C 46 -19.58 16.27 -8.88
C ALA C 46 -19.35 15.26 -10.00
N GLY C 47 -20.42 14.55 -10.34
CA GLY C 47 -20.45 13.62 -11.46
C GLY C 47 -19.93 12.22 -11.20
N ILE C 48 -19.41 11.97 -10.00
CA ILE C 48 -18.90 10.66 -9.64
C ILE C 48 -19.75 10.07 -8.53
N ASP C 49 -19.95 8.75 -8.62
CA ASP C 49 -20.74 7.99 -7.64
C ASP C 49 -19.78 7.47 -6.58
N TYR C 50 -20.17 7.63 -5.33
CA TYR C 50 -19.35 7.18 -4.23
C TYR C 50 -20.12 6.15 -3.46
N PRO C 51 -19.50 4.97 -3.20
CA PRO C 51 -20.19 4.00 -2.38
C PRO C 51 -20.19 4.45 -0.92
N LEU C 52 -21.29 4.22 -0.21
CA LEU C 52 -21.32 4.46 1.22
C LEU C 52 -20.58 3.30 1.92
N LEU C 53 -19.42 3.59 2.49
CA LEU C 53 -18.56 2.53 3.15
C LEU C 53 -18.72 2.44 4.69
N PRO C 54 -18.70 1.20 5.25
CA PRO C 54 -18.92 1.05 6.68
C PRO C 54 -17.71 1.36 7.54
N LEU C 55 -17.94 2.03 8.68
CA LEU C 55 -16.94 2.08 9.75
C LEU C 55 -17.61 1.34 10.87
N ASN C 56 -17.22 0.08 11.05
CA ASN C 56 -17.89 -0.79 12.02
C ASN C 56 -17.48 -0.42 13.43
N HIS C 57 -18.12 -1.07 14.38
CA HIS C 57 -17.83 -0.88 15.79
C HIS C 57 -16.40 -1.18 16.18
N GLN C 58 -15.64 -1.87 15.34
CA GLN C 58 -14.21 -2.06 15.62
C GLN C 58 -13.44 -0.73 15.65
N THR C 59 -13.81 0.15 14.69
CA THR C 59 -13.12 1.40 14.47
C THR C 59 -12.94 2.22 15.76
N PRO C 60 -11.72 2.51 16.13
CA PRO C 60 -11.53 3.27 17.42
C PRO C 60 -12.02 4.70 17.40
N LEU C 61 -12.51 5.10 18.55
CA LEU C 61 -12.83 6.49 18.88
C LEU C 61 -11.58 7.10 19.41
N VAL C 62 -11.18 8.27 18.91
CA VAL C 62 -9.89 8.88 19.30
C VAL C 62 -10.13 10.32 19.72
N PHE C 63 -9.69 10.61 20.95
CA PHE C 63 -9.66 11.93 21.52
C PHE C 63 -8.23 12.41 21.53
N GLN C 64 -8.05 13.72 21.60
CA GLN C 64 -6.74 14.38 21.69
C GLN C 64 -6.57 15.35 22.84
N TRP C 65 -5.45 15.26 23.56
CA TRP C 65 -5.14 16.28 24.55
C TRP C 65 -3.65 16.61 24.44
N PHE C 66 -3.38 17.72 23.79
CA PHE C 66 -2.06 18.31 23.68
C PHE C 66 -1.93 19.47 24.65
N GLU C 67 -0.98 19.35 25.56
CA GLU C 67 -0.97 20.19 26.71
C GLU C 67 0.32 20.97 26.75
N ARG C 68 0.14 22.27 26.61
CA ARG C 68 1.25 23.21 26.56
C ARG C 68 1.87 23.45 27.95
N ASN C 69 1.02 23.48 28.97
CA ASN C 69 1.46 23.76 30.32
C ASN C 69 1.05 22.67 31.33
N PRO C 70 1.68 21.50 31.25
CA PRO C 70 1.31 20.41 32.13
C PRO C 70 1.53 20.68 33.61
N ASP C 71 2.31 21.71 33.93
CA ASP C 71 2.46 22.14 35.34
C ASP C 71 1.22 22.70 35.95
N ARG C 72 0.19 22.96 35.14
CA ARG C 72 -1.05 23.43 35.67
C ARG C 72 -1.84 22.29 36.30
N PHE C 73 -1.44 21.05 36.03
CA PHE C 73 -1.98 19.89 36.74
C PHE C 73 -1.04 19.46 37.82
N GLY C 74 -1.56 18.84 38.88
CA GLY C 74 -0.68 18.18 39.84
C GLY C 74 0.24 17.19 39.16
N GLN C 75 1.41 16.96 39.77
CA GLN C 75 2.35 15.98 39.27
C GLN C 75 1.91 14.52 39.34
N ASN C 76 0.89 14.18 40.11
CA ASN C 76 0.34 12.81 40.11
C ASN C 76 -1.06 12.80 39.56
N GLU C 77 -1.43 13.86 38.85
CA GLU C 77 -2.83 13.99 38.39
C GLU C 77 -2.82 13.64 36.87
N ILE C 78 -3.93 13.17 36.34
CA ILE C 78 -4.09 12.98 34.90
C ILE C 78 -4.04 14.42 34.30
N PRO C 79 -3.08 14.68 33.41
CA PRO C 79 -2.86 15.97 32.82
C PRO C 79 -3.81 16.35 31.65
N ILE C 80 -5.10 16.20 31.88
CA ILE C 80 -6.17 16.47 30.85
C ILE C 80 -7.16 17.32 31.60
N ILE C 81 -7.58 18.41 31.01
CA ILE C 81 -8.46 19.36 31.66
C ILE C 81 -9.73 18.66 32.11
N ASN C 82 -10.14 18.97 33.34
CA ASN C 82 -11.34 18.33 33.87
C ASN C 82 -12.04 19.23 34.86
N THR C 83 -12.34 20.43 34.38
CA THR C 83 -13.03 21.41 35.19
C THR C 83 -14.55 21.26 34.99
N GLN C 84 -15.29 22.01 35.80
CA GLN C 84 -16.73 22.18 35.55
C GLN C 84 -17.07 22.65 34.17
N LYS C 85 -16.39 23.70 33.71
CA LYS C 85 -16.67 24.27 32.36
C LYS C 85 -16.19 23.40 31.21
N ASN C 86 -15.08 22.70 31.43
CA ASN C 86 -14.38 21.85 30.44
C ASN C 86 -14.11 20.53 31.16
N PRO C 87 -15.16 19.73 31.34
CA PRO C 87 -15.03 18.45 32.01
C PRO C 87 -14.52 17.35 31.09
N TYR C 88 -13.41 17.60 30.39
CA TYR C 88 -13.02 16.73 29.24
C TYR C 88 -12.53 15.32 29.60
N LEU C 89 -11.78 15.15 30.67
CA LEU C 89 -11.48 13.81 31.09
C LEU C 89 -12.78 13.03 31.41
N ASN C 90 -13.68 13.61 32.23
CA ASN C 90 -14.96 12.95 32.47
C ASN C 90 -15.75 12.60 31.17
N ASN C 91 -15.76 13.50 30.21
CA ASN C 91 -16.41 13.27 28.91
C ASN C 91 -15.77 12.03 28.19
N ILE C 92 -14.43 11.93 28.18
CA ILE C 92 -13.73 10.80 27.50
C ILE C 92 -14.08 9.50 28.20
N ILE C 93 -14.09 9.55 29.52
CA ILE C 93 -14.39 8.36 30.35
C ILE C 93 -15.83 7.92 30.08
N ASN C 94 -16.75 8.87 30.00
CA ASN C 94 -18.15 8.54 29.79
C ASN C 94 -18.33 7.95 28.44
N ALA C 95 -17.60 8.47 27.46
CA ALA C 95 -17.59 7.84 26.12
C ALA C 95 -17.05 6.41 26.15
N ALA C 96 -15.94 6.19 26.86
CA ALA C 96 -15.35 4.87 27.02
C ALA C 96 -16.34 3.87 27.68
N ILE C 97 -17.22 4.35 28.55
CA ILE C 97 -18.20 3.52 29.33
C ILE C 97 -19.33 3.14 28.38
N ILE C 98 -19.80 4.08 27.59
CA ILE C 98 -20.82 3.80 26.59
C ILE C 98 -20.28 2.87 25.51
N GLU C 99 -19.08 3.15 25.03
CA GLU C 99 -18.52 2.35 24.01
C GLU C 99 -17.56 1.33 24.70
N LYS C 100 -18.06 0.62 25.74
CA LYS C 100 -17.36 -0.48 26.49
C LYS C 100 -16.51 -1.37 25.62
N GLU C 101 -17.07 -1.72 24.48
CA GLU C 101 -16.50 -2.68 23.60
C GLU C 101 -15.68 -2.16 22.46
N ARG C 102 -15.49 -0.86 22.35
CA ARG C 102 -14.66 -0.23 21.35
C ARG C 102 -13.36 0.32 21.95
N ILE C 103 -12.28 0.23 21.23
CA ILE C 103 -11.06 0.87 21.64
C ILE C 103 -11.24 2.40 21.61
N ILE C 104 -10.79 3.07 22.65
CA ILE C 104 -10.80 4.51 22.77
C ILE C 104 -9.35 5.02 22.91
N GLY C 105 -8.89 5.83 22.00
CA GLY C 105 -7.57 6.37 22.07
C GLY C 105 -7.56 7.72 22.74
N ILE C 106 -6.52 8.01 23.50
CA ILE C 106 -6.25 9.37 23.93
C ILE C 106 -4.87 9.75 23.43
N PHE C 107 -4.87 10.56 22.42
CA PHE C 107 -3.66 11.01 21.70
C PHE C 107 -3.13 12.28 22.38
N VAL C 108 -1.99 12.14 23.03
CA VAL C 108 -1.48 13.18 23.87
C VAL C 108 -0.08 13.65 23.45
N ASP C 109 0.23 14.84 23.86
CA ASP C 109 1.58 15.39 23.74
C ASP C 109 1.77 16.47 24.77
N GLY C 110 3.02 16.71 25.09
CA GLY C 110 3.43 17.75 26.00
C GLY C 110 4.45 17.15 26.96
N ASP C 111 5.01 18.02 27.74
CA ASP C 111 6.12 17.66 28.63
C ASP C 111 5.59 17.16 29.98
N PHE C 112 4.85 16.07 29.96
CA PHE C 112 4.29 15.53 31.18
C PHE C 112 5.38 14.99 32.12
N SER C 113 5.17 15.19 33.40
CA SER C 113 6.00 14.53 34.42
C SER C 113 5.83 12.99 34.40
N LYS C 114 6.75 12.32 35.07
CA LYS C 114 6.70 10.90 35.33
C LYS C 114 5.42 10.52 36.05
N GLY C 115 5.04 11.28 37.07
CA GLY C 115 3.82 10.97 37.79
C GLY C 115 2.54 11.12 36.98
N GLN C 116 2.55 12.10 36.09
CA GLN C 116 1.42 12.39 35.20
C GLN C 116 1.28 11.28 34.15
N ARG C 117 2.43 10.74 33.68
CA ARG C 117 2.44 9.52 32.86
C ARG C 117 1.98 8.33 33.63
N LYS C 118 2.36 8.27 34.90
CA LYS C 118 1.87 7.17 35.74
C LYS C 118 0.39 7.24 35.93
N ALA C 119 -0.13 8.47 36.08
CA ALA C 119 -1.55 8.68 36.30
C ALA C 119 -2.32 8.25 35.05
N LEU C 120 -1.75 8.57 33.90
CA LEU C 120 -2.33 8.12 32.62
C LEU C 120 -2.34 6.59 32.50
N GLY C 121 -1.28 5.92 32.98
CA GLY C 121 -1.25 4.48 33.01
C GLY C 121 -2.30 3.88 33.86
N LYS C 122 -2.60 4.54 34.96
CA LYS C 122 -3.60 4.07 35.86
C LYS C 122 -5.00 4.21 35.24
N LEU C 123 -5.20 5.28 34.47
CA LEU C 123 -6.44 5.46 33.73
C LEU C 123 -6.62 4.28 32.81
N GLU C 124 -5.58 3.85 32.15
CA GLU C 124 -5.63 2.73 31.26
C GLU C 124 -6.00 1.40 32.01
N GLN C 125 -5.61 1.27 33.27
CA GLN C 125 -5.99 0.11 34.07
C GLN C 125 -7.40 0.17 34.52
N ASN C 126 -7.88 1.35 34.94
CA ASN C 126 -9.27 1.48 35.37
C ASN C 126 -10.29 1.32 34.25
N TYR C 127 -9.91 1.67 33.03
CA TYR C 127 -10.80 1.52 31.91
C TYR C 127 -10.08 0.77 30.87
N ARG C 128 -10.43 -0.52 30.72
CA ARG C 128 -9.63 -1.41 29.91
C ARG C 128 -9.63 -1.13 28.42
N ASN C 129 -10.67 -0.47 27.93
CA ASN C 129 -10.65 -0.05 26.50
C ASN C 129 -9.86 1.28 26.21
N ILE C 130 -9.38 2.00 27.23
CA ILE C 130 -8.72 3.32 26.97
C ILE C 130 -7.26 3.04 26.73
N LYS C 131 -6.74 3.59 25.64
CA LYS C 131 -5.34 3.45 25.28
C LYS C 131 -4.74 4.86 25.05
N VAL C 132 -3.74 5.18 25.85
CA VAL C 132 -3.05 6.43 25.82
C VAL C 132 -1.91 6.32 24.80
N ILE C 133 -1.93 7.19 23.80
CA ILE C 133 -0.90 7.16 22.78
C ILE C 133 -0.12 8.46 22.86
N TYR C 134 1.15 8.36 23.25
CA TYR C 134 2.07 9.48 23.25
C TYR C 134 2.55 9.78 21.81
N ASN C 135 2.44 11.03 21.41
CA ASN C 135 2.85 11.50 20.04
C ASN C 135 4.34 11.24 19.77
N SER C 136 5.14 11.35 20.81
CA SER C 136 6.58 11.01 20.75
C SER C 136 6.83 9.52 20.48
N ASP C 137 5.85 8.67 20.66
CA ASP C 137 6.00 7.24 20.29
C ASP C 137 5.68 6.86 18.79
N LEU C 138 5.33 7.85 17.97
CA LEU C 138 4.90 7.58 16.59
C LEU C 138 5.94 8.23 15.66
N ASN C 139 6.15 7.59 14.51
CA ASN C 139 7.20 7.98 13.56
C ASN C 139 6.50 8.56 12.34
N TYR C 140 6.68 9.83 12.09
CA TYR C 140 6.00 10.47 11.00
C TYR C 140 6.94 10.79 9.83
N SER C 141 8.16 10.26 9.84
CA SER C 141 9.16 10.66 8.83
C SER C 141 8.69 10.29 7.41
N MET C 142 7.87 9.26 7.26
CA MET C 142 7.29 8.98 5.94
C MET C 142 6.35 10.08 5.35
N TYR C 143 5.89 11.04 6.17
CA TYR C 143 5.05 12.13 5.68
C TYR C 143 5.87 13.42 5.69
N ASP C 144 7.16 13.35 6.08
CA ASP C 144 7.90 14.54 6.40
C ASP C 144 8.59 15.06 5.12
N LYS C 145 9.09 16.24 5.20
CA LYS C 145 9.82 16.81 4.06
C LYS C 145 10.70 17.95 4.53
N LYS C 146 11.92 18.11 4.01
CA LYS C 146 12.78 19.16 4.54
C LYS C 146 12.42 20.52 3.98
N LEU C 147 12.49 21.52 4.81
CA LEU C 147 12.14 22.84 4.42
C LEU C 147 13.04 23.26 3.25
N THR C 148 14.34 22.92 3.31
CA THR C 148 15.23 23.37 2.19
C THR C 148 14.73 22.83 0.84
N THR C 149 14.21 21.65 0.90
CA THR C 149 13.77 20.98 -0.27
C THR C 149 12.52 21.64 -0.89
N ILE C 150 11.57 21.93 0.02
CA ILE C 150 10.37 22.68 -0.35
C ILE C 150 10.71 24.02 -0.96
N TYR C 151 11.62 24.75 -0.36
CA TYR C 151 11.99 26.05 -0.89
C TYR C 151 12.72 25.91 -2.22
N LEU C 152 13.58 24.92 -2.35
CA LEU C 152 14.22 24.67 -3.71
C LEU C 152 13.12 24.45 -4.78
N GLU C 153 12.20 23.57 -4.49
CA GLU C 153 11.10 23.28 -5.44
C GLU C 153 10.33 24.54 -5.79
N ASN C 154 10.03 25.35 -4.78
CA ASN C 154 9.30 26.56 -5.07
C ASN C 154 10.05 27.63 -5.83
N ILE C 155 11.33 27.79 -5.48
CA ILE C 155 12.18 28.75 -6.21
C ILE C 155 12.27 28.27 -7.66
N THR C 156 12.48 26.95 -7.82
CA THR C 156 12.56 26.36 -9.16
C THR C 156 11.28 26.64 -10.00
N LYS C 157 10.13 26.37 -9.37
CA LYS C 157 8.85 26.67 -9.98
C LYS C 157 8.73 28.14 -10.35
N LEU C 158 9.10 29.03 -9.46
CA LEU C 158 8.94 30.49 -9.71
C LEU C 158 9.87 30.94 -10.84
N GLU C 159 11.11 30.51 -10.75
CA GLU C 159 12.06 30.87 -11.80
C GLU C 159 11.65 30.34 -13.17
N ALA C 160 11.00 29.17 -13.23
CA ALA C 160 10.49 28.64 -14.49
C ALA C 160 9.31 29.43 -15.04
N GLN C 161 8.58 30.15 -14.20
CA GLN C 161 7.46 30.89 -14.73
C GLN C 161 7.97 32.00 -15.64
N SER C 162 7.07 32.50 -16.46
CA SER C 162 7.35 33.65 -17.36
C SER C 162 7.52 34.95 -16.59
N ALA C 163 8.20 35.95 -17.16
CA ALA C 163 8.43 37.23 -16.43
C ALA C 163 7.12 37.98 -16.17
N SER C 164 6.15 37.88 -17.09
CA SER C 164 4.82 38.48 -16.89
C SER C 164 4.07 37.77 -15.79
N GLU C 165 4.19 36.46 -15.70
CA GLU C 165 3.53 35.75 -14.63
C GLU C 165 4.32 35.71 -13.34
N ARG C 166 5.64 35.80 -13.38
CA ARG C 166 6.41 35.57 -12.18
C ARG C 166 6.27 36.67 -11.13
N ASP C 167 6.02 36.27 -9.88
CA ASP C 167 5.98 37.15 -8.72
C ASP C 167 7.35 37.15 -8.02
N GLU C 168 8.03 38.24 -8.38
CA GLU C 168 9.37 38.48 -7.95
C GLU C 168 9.46 38.69 -6.47
N VAL C 169 8.47 39.36 -5.89
CA VAL C 169 8.53 39.66 -4.47
C VAL C 169 8.59 38.33 -3.71
N LEU C 170 7.70 37.44 -4.13
CA LEU C 170 7.54 36.11 -3.57
C LEU C 170 8.80 35.25 -3.71
N LEU C 171 9.37 35.29 -4.87
CA LEU C 171 10.66 34.65 -5.09
C LEU C 171 11.75 35.20 -4.16
N ASN C 172 11.86 36.51 -3.98
CA ASN C 172 12.84 36.99 -3.02
C ASN C 172 12.53 36.49 -1.64
N GLY C 173 11.25 36.49 -1.27
CA GLY C 173 10.83 36.01 0.06
C GLY C 173 11.16 34.55 0.29
N VAL C 174 10.96 33.71 -0.73
CA VAL C 174 11.36 32.29 -0.61
C VAL C 174 12.88 32.13 -0.52
N LYS C 175 13.60 32.92 -1.29
CA LYS C 175 15.07 32.92 -1.18
C LYS C 175 15.52 33.32 0.21
N LYS C 176 14.83 34.29 0.77
CA LYS C 176 15.11 34.70 2.11
C LYS C 176 14.85 33.62 3.15
N SER C 177 13.71 32.91 3.05
CA SER C 177 13.41 31.86 3.99
C SER C 177 14.46 30.73 3.87
N LEU C 178 14.82 30.39 2.64
CA LEU C 178 15.89 29.41 2.43
C LEU C 178 17.24 29.85 3.07
N GLU C 179 17.65 31.06 2.81
CA GLU C 179 18.85 31.60 3.41
C GLU C 179 18.83 31.48 4.95
N ASP C 180 17.73 31.85 5.58
CA ASP C 180 17.62 31.72 7.06
C ASP C 180 17.71 30.31 7.62
N VAL C 181 16.97 29.41 6.99
CA VAL C 181 16.98 27.99 7.36
C VAL C 181 18.38 27.38 7.15
N LEU C 182 19.07 27.75 6.08
CA LEU C 182 20.46 27.28 5.88
C LEU C 182 21.41 27.75 6.98
N LYS C 183 21.33 29.05 7.32
CA LYS C 183 22.17 29.69 8.31
C LYS C 183 21.82 29.19 9.71
N ASN C 184 20.54 29.11 10.02
CA ASN C 184 20.10 28.87 11.40
C ASN C 184 19.65 27.47 11.78
N ASN C 185 19.09 26.71 10.84
CA ASN C 185 18.51 25.40 11.14
C ASN C 185 18.37 24.57 9.87
N PRO C 186 19.51 24.07 9.29
CA PRO C 186 19.34 23.49 7.95
C PRO C 186 18.63 22.16 7.91
N GLU C 187 18.48 21.54 9.05
CA GLU C 187 17.79 20.28 9.11
C GLU C 187 16.29 20.40 9.36
N GLU C 188 15.77 21.60 9.51
CA GLU C 188 14.36 21.80 9.81
C GLU C 188 13.48 21.08 8.83
N THR C 189 12.40 20.46 9.30
CA THR C 189 11.46 19.80 8.40
C THR C 189 10.08 20.42 8.58
N LEU C 190 9.20 20.06 7.64
CA LEU C 190 7.79 20.46 7.70
C LEU C 190 7.22 20.10 9.09
N ILE C 191 7.43 18.86 9.52
CA ILE C 191 6.85 18.40 10.77
C ILE C 191 7.59 19.03 11.95
N SER C 192 8.93 19.00 11.95
CA SER C 192 9.69 19.67 13.02
C SER C 192 9.35 21.17 13.25
N SER C 193 8.95 21.86 12.17
CA SER C 193 8.62 23.30 12.25
C SER C 193 7.30 23.58 12.94
N HIS C 194 6.45 22.56 13.15
CA HIS C 194 5.27 22.69 14.02
C HIS C 194 5.66 22.18 15.42
N ASN C 195 5.13 22.82 16.45
CA ASN C 195 5.57 22.56 17.84
C ASN C 195 4.70 23.35 18.82
N LYS C 196 4.73 22.90 20.07
CA LYS C 196 3.79 23.35 21.11
C LYS C 196 3.62 24.86 21.30
N ASP C 197 4.65 25.61 20.92
CA ASP C 197 4.62 27.08 20.92
C ASP C 197 3.64 27.66 19.87
N LYS C 198 3.07 26.79 19.01
CA LYS C 198 2.05 27.16 18.02
C LYS C 198 0.58 26.91 18.49
N GLY C 199 0.37 26.36 19.70
CA GLY C 199 -0.99 26.21 20.30
C GLY C 199 -1.98 25.37 19.47
N HIS C 200 -3.06 25.94 18.95
CA HIS C 200 -3.98 25.17 18.07
C HIS C 200 -3.37 24.64 16.75
N LEU C 201 -2.39 25.36 16.18
CA LEU C 201 -1.67 24.84 15.00
C LEU C 201 -0.95 23.59 15.34
N TRP C 202 -0.44 23.50 16.56
CA TRP C 202 0.26 22.35 17.00
C TRP C 202 -0.69 21.12 17.01
N PHE C 203 -1.80 21.24 17.70
CA PHE C 203 -2.63 20.01 17.81
C PHE C 203 -3.41 19.65 16.56
N ASP C 204 -3.88 20.65 15.82
CA ASP C 204 -4.62 20.42 14.57
C ASP C 204 -3.71 19.74 13.56
N PHE C 205 -2.43 20.14 13.52
CA PHE C 205 -1.52 19.57 12.50
C PHE C 205 -1.19 18.11 12.81
N TYR C 206 -0.89 17.80 14.07
CA TYR C 206 -0.62 16.39 14.45
C TYR C 206 -1.85 15.50 14.42
N ARG C 207 -3.00 16.11 14.65
CA ARG C 207 -4.25 15.38 14.51
C ARG C 207 -4.38 14.80 13.12
N ASN C 208 -4.09 15.58 12.06
CA ASN C 208 -4.20 15.08 10.73
C ASN C 208 -3.20 13.97 10.43
N LEU C 209 -2.00 14.11 10.96
CA LEU C 209 -0.95 13.10 10.82
C LEU C 209 -1.40 11.80 11.46
N PHE C 210 -2.03 11.89 12.59
CA PHE C 210 -2.54 10.66 13.27
C PHE C 210 -3.52 9.99 12.38
N LEU C 211 -4.37 10.82 11.74
CA LEU C 211 -5.50 10.30 10.96
C LEU C 211 -4.97 9.57 9.71
N LEU C 212 -3.83 9.97 9.21
CA LEU C 212 -3.18 9.21 8.12
C LEU C 212 -2.76 7.86 8.59
N LYS C 213 -2.24 7.74 9.81
CA LYS C 213 -1.89 6.37 10.34
C LYS C 213 -3.06 5.50 10.56
N GLY C 214 -4.14 6.10 11.09
CA GLY C 214 -5.35 5.41 11.46
C GLY C 214 -5.16 4.42 12.60
N SER C 215 -5.97 3.39 12.58
CA SER C 215 -5.96 2.42 13.71
C SER C 215 -4.60 1.68 13.91
N ASP C 216 -3.77 1.56 12.85
CA ASP C 216 -2.44 0.98 13.02
C ASP C 216 -1.58 1.71 14.09
N ALA C 217 -1.83 3.02 14.33
CA ALA C 217 -1.09 3.80 15.34
C ALA C 217 -1.12 3.17 16.72
N PHE C 218 -2.22 2.53 17.05
CA PHE C 218 -2.34 1.86 18.35
C PHE C 218 -1.31 0.73 18.45
N LEU C 219 -1.16 0.01 17.35
CA LEU C 219 -0.11 -1.08 17.32
C LEU C 219 1.25 -0.52 17.21
N GLU C 220 1.44 0.51 16.40
CA GLU C 220 2.75 1.19 16.38
C GLU C 220 3.27 1.65 17.77
N ALA C 221 2.37 2.17 18.60
CA ALA C 221 2.72 2.65 19.94
C ALA C 221 2.78 1.54 20.95
N GLY C 222 2.46 0.33 20.52
CA GLY C 222 2.65 -0.87 21.36
C GLY C 222 1.57 -0.98 22.40
N LYS C 223 0.35 -0.53 22.07
CA LYS C 223 -0.69 -0.60 23.06
C LYS C 223 -1.26 -2.02 23.20
N PRO C 224 -1.49 -2.50 24.45
CA PRO C 224 -2.08 -3.84 24.58
C PRO C 224 -3.57 -3.83 24.30
N GLY C 225 -4.09 -5.02 24.03
CA GLY C 225 -5.53 -5.27 23.82
C GLY C 225 -6.06 -4.75 22.50
N CYS C 226 -5.18 -4.55 21.53
CA CYS C 226 -5.54 -3.89 20.26
C CYS C 226 -5.46 -4.82 19.05
N HIS C 227 -5.23 -6.09 19.32
CA HIS C 227 -5.05 -7.06 18.27
C HIS C 227 -6.23 -7.18 17.31
N HIS C 228 -7.43 -7.09 17.80
CA HIS C 228 -8.59 -7.19 16.99
C HIS C 228 -8.81 -6.06 15.98
N LEU C 229 -8.12 -4.93 16.15
CA LEU C 229 -8.29 -3.82 15.21
C LEU C 229 -7.93 -4.20 13.78
N GLN C 230 -8.72 -3.76 12.83
CA GLN C 230 -8.48 -4.10 11.44
C GLN C 230 -7.18 -3.46 10.90
N PRO C 231 -6.30 -4.26 10.27
CA PRO C 231 -5.03 -3.74 9.69
C PRO C 231 -5.39 -2.70 8.63
N GLY C 232 -4.74 -1.55 8.69
CA GLY C 232 -5.02 -0.42 7.77
C GLY C 232 -6.39 0.24 8.02
N GLY C 233 -6.97 -0.03 9.20
CA GLY C 233 -8.24 0.53 9.61
C GLY C 233 -8.23 2.01 9.90
N GLY C 234 -9.43 2.57 9.97
CA GLY C 234 -9.57 4.00 10.18
C GLY C 234 -9.70 4.38 11.65
N CYS C 235 -10.29 5.55 11.89
CA CYS C 235 -10.77 5.95 13.21
C CYS C 235 -11.82 7.06 13.17
N ILE C 236 -12.46 7.28 14.32
CA ILE C 236 -13.40 8.38 14.50
C ILE C 236 -12.75 9.35 15.47
N TYR C 237 -12.29 10.52 14.99
CA TYR C 237 -11.71 11.51 15.88
C TYR C 237 -12.86 12.43 16.37
N LEU C 238 -12.90 12.72 17.68
CA LEU C 238 -13.89 13.65 18.28
C LEU C 238 -13.17 14.63 19.19
N ASP C 239 -13.51 15.92 19.13
CA ASP C 239 -13.19 16.85 20.21
C ASP C 239 -13.79 16.26 21.54
N ALA C 240 -13.15 16.57 22.67
CA ALA C 240 -13.57 16.02 23.93
C ALA C 240 -14.80 16.62 24.54
N ASP C 241 -15.38 17.64 23.90
CA ASP C 241 -16.69 18.15 24.21
C ASP C 241 -17.83 17.67 23.28
N MET C 242 -17.55 16.60 22.48
CA MET C 242 -18.57 15.93 21.63
C MET C 242 -19.07 14.74 22.46
N LEU C 243 -20.27 14.89 23.04
CA LEU C 243 -20.81 13.95 24.04
C LEU C 243 -21.73 12.91 23.46
N LEU C 244 -21.38 11.67 23.72
CA LEU C 244 -22.19 10.54 23.33
C LEU C 244 -23.39 10.40 24.24
N THR C 245 -24.56 10.24 23.63
CA THR C 245 -25.81 9.89 24.44
C THR C 245 -26.19 8.43 24.33
N ASP C 246 -25.51 7.68 23.45
CA ASP C 246 -25.67 6.25 23.23
C ASP C 246 -24.53 5.79 22.32
N LYS C 247 -24.52 4.51 22.00
CA LYS C 247 -23.50 3.96 21.16
C LYS C 247 -23.61 4.56 19.76
N LEU C 248 -22.45 4.67 19.10
CA LEU C 248 -22.40 5.23 17.79
C LEU C 248 -22.90 4.32 16.71
N GLY C 249 -22.76 3.02 16.86
CA GLY C 249 -23.23 2.15 15.81
C GLY C 249 -22.19 2.04 14.67
N THR C 250 -22.62 1.45 13.59
CA THR C 250 -21.85 1.38 12.37
C THR C 250 -22.24 2.62 11.57
N LEU C 251 -21.25 3.31 11.02
CA LEU C 251 -21.51 4.50 10.27
C LEU C 251 -21.25 4.16 8.83
N TYR C 252 -22.01 4.72 7.91
CA TYR C 252 -21.80 4.51 6.46
C TYR C 252 -21.54 5.86 5.81
N LEU C 253 -20.33 6.05 5.36
CA LEU C 253 -19.80 7.34 4.94
C LEU C 253 -19.34 7.33 3.45
N PRO C 254 -19.58 8.42 2.71
CA PRO C 254 -19.18 8.45 1.30
C PRO C 254 -17.66 8.27 1.16
N ASP C 255 -17.21 7.28 0.38
CA ASP C 255 -15.81 6.94 0.24
C ASP C 255 -15.09 6.74 1.63
N GLY C 256 -15.89 6.36 2.65
CA GLY C 256 -15.41 6.18 4.02
C GLY C 256 -14.86 7.40 4.74
N ILE C 257 -15.30 8.62 4.38
CA ILE C 257 -14.85 9.80 5.07
C ILE C 257 -16.03 10.71 5.36
N ALA C 258 -16.00 11.34 6.53
CA ALA C 258 -16.92 12.39 6.88
C ALA C 258 -16.32 13.34 7.91
N ILE C 259 -16.83 14.55 7.92
CA ILE C 259 -16.29 15.68 8.70
C ILE C 259 -17.40 16.51 9.33
N HIS C 260 -17.12 17.10 10.49
CA HIS C 260 -18.06 18.03 11.19
C HIS C 260 -18.35 19.21 10.28
N VAL C 261 -19.62 19.57 10.28
CA VAL C 261 -20.13 20.73 9.62
C VAL C 261 -20.94 21.45 10.70
N SER C 262 -20.71 22.73 10.82
CA SER C 262 -21.48 23.62 11.71
C SER C 262 -22.44 24.46 10.88
N ARG C 263 -23.60 24.76 11.46
CA ARG C 263 -24.61 25.60 10.85
C ARG C 263 -25.01 26.70 11.87
N LYS C 264 -24.10 27.70 12.05
CA LYS C 264 -24.21 28.90 12.91
C LYS C 264 -24.46 30.15 12.05
N ASP C 265 -25.63 30.83 12.06
CA ASP C 265 -27.01 30.30 12.28
C ASP C 265 -27.38 29.67 10.94
N ASN C 266 -27.20 30.45 9.87
CA ASN C 266 -27.25 29.96 8.51
C ASN C 266 -25.90 29.42 8.08
N HIS C 267 -24.82 30.07 8.55
CA HIS C 267 -23.48 29.97 7.94
C HIS C 267 -23.04 28.52 8.05
N VAL C 268 -22.48 27.98 6.97
CA VAL C 268 -22.28 26.52 6.84
C VAL C 268 -20.85 26.26 6.52
N SER C 269 -20.12 25.70 7.49
CA SER C 269 -18.71 25.42 7.36
C SER C 269 -18.39 23.98 7.74
N LEU C 270 -17.37 23.52 7.01
CA LEU C 270 -16.47 22.45 7.40
C LEU C 270 -15.82 22.88 8.71
N GLU C 271 -15.63 21.92 9.60
CA GLU C 271 -14.90 22.19 10.90
C GLU C 271 -14.20 20.95 11.28
N ASN C 272 -13.13 21.02 12.10
CA ASN C 272 -12.41 19.73 12.30
C ASN C 272 -12.61 18.97 13.63
N GLY C 273 -13.69 19.27 14.30
CA GLY C 273 -13.98 18.67 15.61
C GLY C 273 -14.51 17.26 15.58
N ILE C 274 -14.91 16.79 14.38
CA ILE C 274 -15.17 15.38 14.08
C ILE C 274 -14.54 15.05 12.73
N ILE C 275 -13.66 14.04 12.70
CA ILE C 275 -13.09 13.52 11.45
C ILE C 275 -13.18 12.00 11.52
N ALA C 276 -13.92 11.39 10.59
CA ALA C 276 -13.98 10.00 10.58
C ALA C 276 -13.50 9.42 9.28
N VAL C 277 -12.61 8.43 9.36
CA VAL C 277 -12.05 7.81 8.16
C VAL C 277 -12.14 6.29 8.35
N ASN C 278 -12.33 5.55 7.25
CA ASN C 278 -12.51 4.11 7.33
C ASN C 278 -11.24 3.34 7.08
N ARG C 279 -10.18 4.06 6.75
CA ARG C 279 -8.92 3.45 6.37
C ARG C 279 -7.74 4.40 6.63
N SER C 280 -6.56 3.83 6.78
CA SER C 280 -5.33 4.58 6.82
C SER C 280 -5.13 5.28 5.46
N GLU C 281 -4.34 6.33 5.52
CA GLU C 281 -3.91 7.19 4.39
C GLU C 281 -5.01 7.49 3.42
N HIS C 282 -6.12 7.95 3.98
CA HIS C 282 -7.23 8.15 3.17
C HIS C 282 -6.76 9.11 2.00
N PRO C 283 -7.08 8.84 0.74
CA PRO C 283 -6.54 9.72 -0.34
C PRO C 283 -6.92 11.17 -0.26
N ALA C 284 -8.08 11.43 0.35
CA ALA C 284 -8.48 12.81 0.63
C ALA C 284 -7.57 13.51 1.57
N LEU C 285 -7.17 12.85 2.65
CA LEU C 285 -6.19 13.39 3.52
C LEU C 285 -4.78 13.39 2.91
N ILE C 286 -4.41 12.39 2.11
CA ILE C 286 -3.12 12.46 1.35
C ILE C 286 -3.08 13.72 0.44
N LYS C 287 -4.18 14.03 -0.23
CA LYS C 287 -4.23 15.18 -1.14
C LYS C 287 -3.88 16.50 -0.44
N GLY C 288 -4.51 16.70 0.72
CA GLY C 288 -4.17 17.74 1.67
C GLY C 288 -2.68 17.71 2.05
N LEU C 289 -2.16 16.55 2.40
CA LEU C 289 -0.74 16.48 2.82
C LEU C 289 0.16 16.98 1.65
N GLU C 290 -0.18 16.62 0.43
CA GLU C 290 0.60 17.03 -0.77
C GLU C 290 0.54 18.52 -0.97
N ILE C 291 -0.58 19.14 -0.60
CA ILE C 291 -0.63 20.63 -0.56
C ILE C 291 0.36 21.21 0.47
N MET C 292 0.38 20.68 1.69
CA MET C 292 1.31 21.10 2.69
C MET C 292 2.79 20.90 2.27
N HIS C 293 3.05 19.85 1.52
CA HIS C 293 4.38 19.60 0.90
C HIS C 293 4.85 20.63 -0.16
N SER C 294 3.94 21.51 -0.60
CA SER C 294 4.36 22.78 -1.27
C SER C 294 4.00 24.13 -0.57
N LYS C 295 3.24 24.11 0.53
CA LYS C 295 2.90 25.34 1.32
C LYS C 295 3.11 25.05 2.85
N PRO C 296 4.41 24.93 3.33
CA PRO C 296 4.59 24.45 4.72
C PRO C 296 4.02 25.33 5.84
N TYR C 297 3.86 26.63 5.56
CA TYR C 297 3.20 27.61 6.46
C TYR C 297 1.65 27.41 6.41
N GLY C 298 1.23 26.33 5.73
CA GLY C 298 -0.17 26.03 5.43
C GLY C 298 -1.01 25.77 6.67
N ASP C 299 -2.29 26.09 6.58
CA ASP C 299 -3.14 25.96 7.74
C ASP C 299 -3.62 24.48 7.68
N PRO C 300 -3.45 23.75 8.80
CA PRO C 300 -4.02 22.40 8.92
C PRO C 300 -5.50 22.36 8.55
N TYR C 301 -6.22 23.46 8.81
CA TYR C 301 -7.60 23.51 8.48
C TYR C 301 -7.86 24.00 7.02
N ASN C 302 -7.35 25.17 6.66
CA ASN C 302 -7.70 25.79 5.35
C ASN C 302 -7.01 25.05 4.21
N ASP C 303 -5.81 24.55 4.46
CA ASP C 303 -5.02 23.97 3.38
C ASP C 303 -5.07 22.46 3.37
N TRP C 304 -4.81 21.85 4.50
CA TRP C 304 -4.77 20.39 4.53
C TRP C 304 -6.19 19.88 4.43
N LEU C 305 -7.02 20.19 5.42
CA LEU C 305 -8.33 19.59 5.49
C LEU C 305 -9.31 20.06 4.44
N SER C 306 -9.49 21.37 4.34
CA SER C 306 -10.50 21.93 3.54
C SER C 306 -10.14 21.82 2.05
N LYS C 307 -8.93 22.28 1.67
CA LYS C 307 -8.54 22.24 0.25
C LYS C 307 -8.29 20.84 -0.15
N GLY C 308 -7.69 20.03 0.72
CA GLY C 308 -7.42 18.65 0.35
C GLY C 308 -8.68 17.88 0.05
N LEU C 309 -9.64 17.93 0.99
CA LEU C 309 -10.91 17.24 0.81
C LEU C 309 -11.65 17.73 -0.43
N ARG C 310 -11.81 19.06 -0.58
CA ARG C 310 -12.61 19.61 -1.68
C ARG C 310 -11.96 19.34 -3.04
N HIS C 311 -10.64 19.51 -3.15
CA HIS C 311 -9.93 19.10 -4.38
C HIS C 311 -9.99 17.62 -4.66
N TYR C 312 -10.04 16.80 -3.61
CA TYR C 312 -10.19 15.35 -3.81
C TYR C 312 -11.55 15.04 -4.39
N PHE C 313 -12.61 15.62 -3.86
CA PHE C 313 -13.95 15.31 -4.31
C PHE C 313 -14.48 16.19 -5.42
N ASP C 314 -13.81 17.29 -5.72
CA ASP C 314 -14.34 18.20 -6.75
C ASP C 314 -13.21 19.05 -7.25
N GLY C 315 -12.25 18.39 -7.85
CA GLY C 315 -11.06 19.09 -8.30
C GLY C 315 -11.36 20.15 -9.37
N SER C 316 -12.45 19.98 -10.12
CA SER C 316 -12.86 21.02 -11.11
C SER C 316 -13.86 22.03 -10.62
N HIS C 317 -14.21 21.99 -9.33
CA HIS C 317 -15.02 23.03 -8.69
C HIS C 317 -16.32 23.23 -9.42
N ILE C 318 -16.90 22.12 -9.89
CA ILE C 318 -18.20 22.15 -10.59
C ILE C 318 -19.41 22.07 -9.66
N GLN C 319 -19.18 21.89 -8.36
CA GLN C 319 -20.18 22.11 -7.33
C GLN C 319 -19.73 23.25 -6.37
N ASP C 320 -20.71 23.82 -5.69
CA ASP C 320 -20.45 24.89 -4.81
C ASP C 320 -20.11 24.34 -3.38
N TYR C 321 -19.47 25.17 -2.58
CA TYR C 321 -19.07 24.81 -1.21
C TYR C 321 -20.18 24.23 -0.34
N ASP C 322 -21.33 24.86 -0.39
CA ASP C 322 -22.52 24.41 0.33
C ASP C 322 -22.98 22.99 -0.01
N ALA C 323 -22.97 22.65 -1.32
CA ALA C 323 -23.14 21.26 -1.74
C ALA C 323 -22.05 20.32 -1.16
N PHE C 324 -20.78 20.73 -1.15
CA PHE C 324 -19.74 19.85 -0.63
C PHE C 324 -19.99 19.58 0.87
N CYS C 325 -20.28 20.64 1.63
CA CYS C 325 -20.68 20.51 3.09
C CYS C 325 -21.82 19.51 3.35
N ASP C 326 -22.89 19.57 2.51
CA ASP C 326 -24.03 18.65 2.63
C ASP C 326 -23.59 17.16 2.38
N PHE C 327 -22.73 16.97 1.41
CA PHE C 327 -22.23 15.65 1.05
C PHE C 327 -21.28 15.03 2.14
N ILE C 328 -20.33 15.83 2.63
CA ILE C 328 -19.32 15.34 3.53
C ILE C 328 -19.76 15.32 4.98
N GLU C 329 -20.89 15.96 5.30
CA GLU C 329 -21.23 16.20 6.69
C GLU C 329 -21.36 14.90 7.54
N PHE C 330 -20.68 14.88 8.68
CA PHE C 330 -20.85 13.82 9.68
C PHE C 330 -22.12 14.17 10.49
N LYS C 331 -23.22 13.44 10.36
CA LYS C 331 -24.41 13.62 11.21
C LYS C 331 -24.52 12.40 12.11
N HIS C 332 -24.91 12.67 13.34
CA HIS C 332 -25.25 11.60 14.24
C HIS C 332 -26.20 12.11 15.31
N GLU C 333 -27.31 11.43 15.48
CA GLU C 333 -28.31 11.85 16.43
C GLU C 333 -27.92 11.55 17.87
N ASN C 334 -26.91 10.76 18.11
CA ASN C 334 -26.43 10.45 19.49
C ASN C 334 -25.17 11.21 19.93
N ILE C 335 -24.93 12.39 19.36
CA ILE C 335 -23.79 13.24 19.80
C ILE C 335 -24.23 14.65 20.07
N ILE C 336 -23.97 15.11 21.29
CA ILE C 336 -24.20 16.51 21.66
C ILE C 336 -22.92 17.22 21.25
N MET C 337 -23.02 18.02 20.19
CA MET C 337 -21.77 18.51 19.48
C MET C 337 -21.29 19.82 20.06
N ASN C 338 -19.97 19.93 20.20
CA ASN C 338 -19.31 21.22 20.45
C ASN C 338 -19.93 21.86 21.72
N THR C 339 -19.90 21.08 22.78
CA THR C 339 -20.48 21.56 24.00
C THR C 339 -19.69 22.67 24.72
N SER C 340 -18.41 22.90 24.34
CA SER C 340 -17.66 24.07 24.79
C SER C 340 -18.34 25.38 24.34
N SER C 341 -19.00 25.37 23.19
CA SER C 341 -19.48 26.65 22.57
C SER C 341 -20.84 27.09 23.12
N LEU C 342 -21.43 26.25 23.95
CA LEU C 342 -22.51 26.64 24.81
C LEU C 342 -21.95 27.04 26.17
N GLY D 41 30.76 -65.02 -11.02
CA GLY D 41 29.82 -65.93 -10.28
C GLY D 41 28.70 -65.26 -9.46
N HIS D 42 29.05 -64.31 -8.59
CA HIS D 42 28.05 -63.74 -7.68
C HIS D 42 28.38 -62.29 -7.20
N VAL D 43 27.35 -61.61 -6.69
CA VAL D 43 27.52 -60.29 -6.05
C VAL D 43 26.67 -60.31 -4.82
N SER D 44 27.05 -59.52 -3.81
CA SER D 44 26.31 -59.45 -2.55
C SER D 44 25.63 -58.12 -2.36
N PHE D 45 24.41 -58.17 -1.90
CA PHE D 45 23.73 -56.92 -1.62
C PHE D 45 22.77 -57.04 -0.48
N ALA D 46 22.92 -56.10 0.45
CA ALA D 46 22.17 -56.06 1.70
C ALA D 46 22.14 -57.41 2.42
N GLY D 47 23.30 -58.07 2.48
CA GLY D 47 23.49 -59.32 3.19
C GLY D 47 23.14 -60.59 2.43
N ILE D 48 22.61 -60.48 1.22
CA ILE D 48 22.26 -61.64 0.42
C ILE D 48 23.11 -61.70 -0.82
N ASP D 49 23.48 -62.94 -1.19
CA ASP D 49 24.32 -63.21 -2.35
C ASP D 49 23.43 -63.45 -3.55
N TYR D 50 23.76 -62.80 -4.65
CA TYR D 50 22.98 -62.97 -5.85
C TYR D 50 23.85 -63.58 -6.90
N PRO D 51 23.39 -64.66 -7.56
CA PRO D 51 24.17 -65.16 -8.71
C PRO D 51 24.07 -64.18 -9.89
N LEU D 52 25.16 -64.05 -10.65
CA LEU D 52 25.12 -63.33 -11.92
C LEU D 52 24.57 -64.31 -12.97
N LEU D 53 23.34 -64.02 -13.41
CA LEU D 53 22.59 -64.88 -14.37
C LEU D 53 22.75 -64.37 -15.81
N PRO D 54 22.89 -65.32 -16.79
CA PRO D 54 23.11 -64.94 -18.18
C PRO D 54 21.84 -64.53 -18.89
N LEU D 55 21.96 -63.52 -19.77
CA LEU D 55 20.93 -63.18 -20.72
C LEU D 55 21.63 -63.39 -22.01
N ASN D 56 21.42 -64.58 -22.59
CA ASN D 56 22.15 -64.95 -23.81
C ASN D 56 21.64 -64.18 -25.01
N HIS D 57 22.34 -64.39 -26.11
CA HIS D 57 22.02 -63.77 -27.37
C HIS D 57 20.65 -64.08 -27.91
N GLN D 58 19.97 -65.07 -27.38
CA GLN D 58 18.60 -65.35 -27.80
C GLN D 58 17.67 -64.23 -27.36
N THR D 59 17.92 -63.69 -26.13
CA THR D 59 17.03 -62.72 -25.46
C THR D 59 16.73 -61.51 -26.40
N PRO D 60 15.46 -61.27 -26.72
CA PRO D 60 15.18 -60.14 -27.62
C PRO D 60 15.55 -58.76 -27.08
N LEU D 61 15.93 -57.90 -28.02
CA LEU D 61 16.05 -56.48 -27.84
C LEU D 61 14.75 -55.86 -28.13
N VAL D 62 14.26 -54.99 -27.27
CA VAL D 62 12.89 -54.46 -27.45
C VAL D 62 12.94 -52.94 -27.33
N PHE D 63 12.43 -52.29 -28.39
CA PHE D 63 12.23 -50.88 -28.45
C PHE D 63 10.73 -50.60 -28.34
N GLN D 64 10.36 -49.37 -28.02
CA GLN D 64 8.99 -48.94 -27.88
C GLN D 64 8.67 -47.61 -28.63
N TRP D 65 7.59 -47.61 -29.40
CA TRP D 65 7.07 -46.35 -29.92
C TRP D 65 5.55 -46.27 -29.76
N PHE D 66 5.17 -45.51 -28.75
CA PHE D 66 3.80 -45.13 -28.43
C PHE D 66 3.51 -43.73 -28.98
N GLU D 67 2.57 -43.68 -29.94
CA GLU D 67 2.40 -42.51 -30.72
C GLU D 67 1.01 -41.90 -30.51
N ARG D 68 1.05 -40.74 -29.89
CA ARG D 68 -0.17 -39.99 -29.57
C ARG D 68 -0.83 -39.35 -30.80
N ASN D 69 -0.02 -38.92 -31.76
CA ASN D 69 -0.56 -38.21 -32.91
C ASN D 69 -0.04 -38.84 -34.22
N PRO D 70 -0.53 -40.01 -34.59
CA PRO D 70 -0.02 -40.69 -35.78
C PRO D 70 -0.27 -39.95 -37.09
N ASP D 71 -1.16 -38.97 -37.08
CA ASP D 71 -1.38 -38.15 -38.30
C ASP D 71 -0.27 -37.20 -38.61
N ARG D 72 0.72 -37.11 -37.71
CA ARG D 72 1.90 -36.34 -38.00
C ARG D 72 2.81 -37.09 -38.97
N PHE D 73 2.56 -38.38 -39.19
CA PHE D 73 3.24 -39.18 -40.20
C PHE D 73 2.33 -39.35 -41.38
N GLY D 74 2.92 -39.49 -42.58
CA GLY D 74 2.12 -39.85 -43.74
C GLY D 74 1.32 -41.10 -43.50
N GLN D 75 0.15 -41.21 -44.14
CA GLN D 75 -0.69 -42.40 -44.00
C GLN D 75 -0.09 -43.69 -44.52
N ASN D 76 0.95 -43.63 -45.37
CA ASN D 76 1.66 -44.85 -45.81
C ASN D 76 3.09 -44.91 -45.31
N GLU D 77 3.39 -44.13 -44.28
CA GLU D 77 4.75 -43.99 -43.75
C GLU D 77 4.82 -44.83 -42.45
N ILE D 78 5.99 -45.32 -42.10
CA ILE D 78 6.21 -45.99 -40.80
C ILE D 78 6.01 -44.89 -39.74
N PRO D 79 5.04 -45.08 -38.79
CA PRO D 79 4.63 -44.04 -37.86
C PRO D 79 5.54 -43.97 -36.63
N ILE D 80 6.84 -43.86 -36.85
CA ILE D 80 7.87 -43.87 -35.78
C ILE D 80 8.78 -42.69 -36.12
N ILE D 81 9.10 -41.84 -35.15
CA ILE D 81 9.87 -40.65 -35.39
C ILE D 81 11.19 -40.99 -36.02
N ASN D 82 11.53 -40.22 -37.06
CA ASN D 82 12.74 -40.50 -37.77
C ASN D 82 13.31 -39.21 -38.38
N THR D 83 13.52 -38.23 -37.51
CA THR D 83 14.06 -36.95 -37.92
C THR D 83 15.57 -36.96 -37.75
N GLN D 84 16.19 -35.88 -38.23
CA GLN D 84 17.60 -35.63 -37.91
C GLN D 84 17.94 -35.60 -36.45
N LYS D 85 17.15 -34.87 -35.67
CA LYS D 85 17.36 -34.75 -34.23
C LYS D 85 17.01 -36.05 -33.49
N ASN D 86 16.02 -36.77 -33.99
CA ASN D 86 15.46 -38.00 -33.36
C ASN D 86 15.34 -39.04 -34.46
N PRO D 87 16.47 -39.59 -34.93
CA PRO D 87 16.45 -40.55 -36.02
C PRO D 87 16.11 -41.95 -35.50
N TYR D 88 15.00 -42.08 -34.80
CA TYR D 88 14.75 -43.34 -34.02
C TYR D 88 14.43 -44.57 -34.84
N LEU D 89 13.66 -44.46 -35.91
CA LEU D 89 13.51 -45.61 -36.76
C LEU D 89 14.89 -46.10 -37.28
N ASN D 90 15.71 -45.16 -37.81
CA ASN D 90 17.06 -45.53 -38.25
C ASN D 90 17.93 -46.20 -37.14
N ASN D 91 17.85 -45.70 -35.92
CA ASN D 91 18.55 -46.29 -34.78
C ASN D 91 18.06 -47.74 -34.55
N ILE D 92 16.77 -47.99 -34.72
CA ILE D 92 16.21 -49.34 -34.45
C ILE D 92 16.72 -50.29 -35.52
N ILE D 93 16.62 -49.80 -36.72
CA ILE D 93 17.10 -50.57 -37.89
C ILE D 93 18.58 -50.88 -37.78
N ASN D 94 19.37 -49.87 -37.41
CA ASN D 94 20.80 -50.09 -37.24
C ASN D 94 21.13 -51.10 -36.17
N ALA D 95 20.39 -51.05 -35.06
CA ALA D 95 20.49 -52.10 -34.05
C ALA D 95 20.16 -53.52 -34.57
N ALA D 96 19.06 -53.62 -35.34
CA ALA D 96 18.60 -54.86 -35.93
C ALA D 96 19.69 -55.42 -36.91
N ILE D 97 20.44 -54.54 -37.56
CA ILE D 97 21.53 -54.93 -38.48
C ILE D 97 22.69 -55.51 -37.67
N ILE D 98 23.05 -54.84 -36.61
CA ILE D 98 24.16 -55.30 -35.78
C ILE D 98 23.80 -56.58 -35.15
N GLU D 99 22.60 -56.63 -34.60
CA GLU D 99 22.09 -57.83 -33.98
C GLU D 99 21.24 -58.61 -34.94
N LYS D 100 21.80 -58.92 -36.10
CA LYS D 100 21.04 -59.61 -37.13
C LYS D 100 20.61 -60.99 -36.75
N GLU D 101 21.28 -61.63 -35.83
CA GLU D 101 20.80 -62.91 -35.38
C GLU D 101 19.91 -62.88 -34.16
N ARG D 102 19.54 -61.72 -33.63
CA ARG D 102 18.65 -61.66 -32.47
C ARG D 102 17.25 -61.13 -32.89
N ILE D 103 16.21 -61.55 -32.22
CA ILE D 103 14.92 -60.92 -32.38
C ILE D 103 14.97 -59.49 -31.86
N ILE D 104 14.34 -58.57 -32.59
CA ILE D 104 14.22 -57.19 -32.24
C ILE D 104 12.70 -56.90 -32.23
N GLY D 105 12.21 -56.53 -31.07
CA GLY D 105 10.81 -56.15 -30.90
C GLY D 105 10.64 -54.64 -31.07
N ILE D 106 9.58 -54.23 -31.78
CA ILE D 106 9.10 -52.85 -31.76
C ILE D 106 7.68 -52.84 -31.17
N PHE D 107 7.62 -52.46 -29.90
CA PHE D 107 6.36 -52.45 -29.09
C PHE D 107 5.64 -51.13 -29.29
N VAL D 108 4.51 -51.17 -30.01
CA VAL D 108 3.86 -49.97 -30.45
C VAL D 108 2.42 -49.85 -29.94
N ASP D 109 1.93 -48.63 -29.97
CA ASP D 109 0.51 -48.33 -29.63
C ASP D 109 0.17 -46.97 -30.21
N GLY D 110 -1.11 -46.75 -30.40
CA GLY D 110 -1.60 -45.52 -31.00
C GLY D 110 -2.54 -45.85 -32.13
N ASP D 111 -3.30 -44.84 -32.56
CA ASP D 111 -4.36 -45.06 -33.59
C ASP D 111 -3.79 -44.98 -34.97
N PHE D 112 -2.97 -45.95 -35.32
CA PHE D 112 -2.35 -45.95 -36.64
C PHE D 112 -3.37 -46.27 -37.75
N SER D 113 -3.24 -45.62 -38.88
CA SER D 113 -4.02 -46.00 -40.06
C SER D 113 -3.65 -47.42 -40.58
N LYS D 114 -4.49 -47.97 -41.45
CA LYS D 114 -4.23 -49.21 -42.16
C LYS D 114 -2.94 -49.14 -42.93
N GLY D 115 -2.66 -48.02 -43.63
CA GLY D 115 -1.43 -47.91 -44.41
C GLY D 115 -0.14 -47.83 -43.60
N GLN D 116 -0.27 -47.26 -42.42
CA GLN D 116 0.84 -47.14 -41.43
C GLN D 116 1.14 -48.53 -40.86
N ARG D 117 0.07 -49.29 -40.59
CA ARG D 117 0.22 -50.74 -40.25
C ARG D 117 0.81 -51.52 -41.38
N LYS D 118 0.39 -51.21 -42.63
CA LYS D 118 1.04 -51.87 -43.79
C LYS D 118 2.49 -51.54 -43.87
N ALA D 119 2.82 -50.28 -43.61
CA ALA D 119 4.19 -49.84 -43.68
C ALA D 119 5.05 -50.55 -42.64
N LEU D 120 4.51 -50.70 -41.43
CA LEU D 120 5.17 -51.51 -40.40
C LEU D 120 5.41 -52.98 -40.83
N GLY D 121 4.46 -53.57 -41.55
CA GLY D 121 4.62 -54.93 -42.07
C GLY D 121 5.73 -55.10 -43.06
N LYS D 122 5.87 -54.14 -43.96
CA LYS D 122 6.95 -54.11 -44.92
C LYS D 122 8.29 -53.94 -44.22
N LEU D 123 8.32 -53.19 -43.11
CA LEU D 123 9.50 -53.14 -42.24
C LEU D 123 9.90 -54.54 -41.81
N GLU D 124 8.93 -55.31 -41.37
CA GLU D 124 9.17 -56.67 -40.92
C GLU D 124 9.65 -57.60 -42.06
N GLN D 125 9.25 -57.30 -43.29
CA GLN D 125 9.75 -58.02 -44.46
C GLN D 125 11.15 -57.65 -44.85
N ASN D 126 11.49 -56.36 -44.84
CA ASN D 126 12.86 -55.93 -45.11
C ASN D 126 13.91 -56.33 -44.10
N TYR D 127 13.51 -56.43 -42.85
CA TYR D 127 14.44 -56.80 -41.80
C TYR D 127 13.83 -57.99 -41.10
N ARG D 128 14.33 -59.19 -41.39
CA ARG D 128 13.62 -60.40 -40.99
C ARG D 128 13.59 -60.63 -39.49
N ASN D 129 14.56 -60.09 -38.78
CA ASN D 129 14.50 -60.19 -37.28
C ASN D 129 13.58 -59.15 -36.55
N ILE D 130 13.02 -58.16 -37.27
CA ILE D 130 12.16 -57.13 -36.64
C ILE D 130 10.77 -57.64 -36.52
N LYS D 131 10.19 -57.58 -35.29
CA LYS D 131 8.85 -58.02 -35.04
C LYS D 131 8.07 -56.87 -34.36
N VAL D 132 7.01 -56.42 -35.02
CA VAL D 132 6.15 -55.33 -34.56
C VAL D 132 5.08 -55.94 -33.68
N ILE D 133 5.01 -55.48 -32.44
CA ILE D 133 4.07 -56.00 -31.49
C ILE D 133 3.13 -54.86 -31.15
N TYR D 134 1.90 -55.01 -31.57
CA TYR D 134 0.86 -54.09 -31.22
C TYR D 134 0.35 -54.32 -29.80
N ASN D 135 0.30 -53.26 -28.99
CA ASN D 135 -0.17 -53.31 -27.60
C ASN D 135 -1.57 -53.88 -27.46
N SER D 136 -2.43 -53.53 -28.43
CA SER D 136 -3.80 -54.05 -28.44
C SER D 136 -3.85 -55.55 -28.72
N ASP D 137 -2.78 -56.15 -29.20
CA ASP D 137 -2.71 -57.61 -29.32
C ASP D 137 -2.33 -58.41 -28.04
N LEU D 138 -2.05 -57.71 -26.94
CA LEU D 138 -1.59 -58.41 -25.74
C LEU D 138 -2.68 -58.24 -24.67
N ASN D 139 -2.77 -59.25 -23.82
CA ASN D 139 -3.89 -59.35 -22.83
C ASN D 139 -3.20 -59.17 -21.48
N TYR D 140 -3.54 -58.11 -20.79
CA TYR D 140 -2.91 -57.80 -19.54
C TYR D 140 -3.85 -58.05 -18.33
N SER D 141 -4.99 -58.70 -18.55
CA SER D 141 -6.01 -58.82 -17.48
C SER D 141 -5.46 -59.59 -16.28
N MET D 142 -4.51 -60.47 -16.48
CA MET D 142 -3.89 -61.12 -15.31
C MET D 142 -3.08 -60.15 -14.40
N TYR D 143 -2.77 -58.92 -14.84
CA TYR D 143 -2.05 -58.00 -13.98
C TYR D 143 -2.97 -56.90 -13.53
N ASP D 144 -4.26 -56.99 -13.88
CA ASP D 144 -5.17 -55.89 -13.69
C ASP D 144 -5.92 -55.97 -12.35
N LYS D 145 -6.54 -54.86 -11.98
CA LYS D 145 -7.34 -54.82 -10.75
C LYS D 145 -8.39 -53.73 -10.93
N LYS D 146 -9.62 -53.96 -10.49
CA LYS D 146 -10.64 -52.90 -10.56
C LYS D 146 -10.38 -51.80 -9.58
N LEU D 147 -10.63 -50.58 -10.01
CA LEU D 147 -10.46 -49.44 -9.17
C LEU D 147 -11.37 -49.52 -7.96
N THR D 148 -12.62 -49.97 -8.16
CA THR D 148 -13.51 -50.09 -6.98
C THR D 148 -12.91 -51.05 -5.94
N THR D 149 -12.23 -52.10 -6.38
CA THR D 149 -11.65 -53.04 -5.47
C THR D 149 -10.54 -52.37 -4.70
N ILE D 150 -9.67 -51.61 -5.41
CA ILE D 150 -8.56 -50.90 -4.80
C ILE D 150 -9.03 -49.92 -3.70
N TYR D 151 -10.03 -49.13 -4.06
CA TYR D 151 -10.58 -48.15 -3.15
C TYR D 151 -11.24 -48.84 -1.96
N LEU D 152 -12.02 -49.87 -2.20
CA LEU D 152 -12.59 -50.66 -1.05
C LEU D 152 -11.46 -51.08 -0.09
N GLU D 153 -10.43 -51.73 -0.63
CA GLU D 153 -9.28 -52.14 0.19
C GLU D 153 -8.65 -51.06 1.02
N ASN D 154 -8.48 -49.89 0.42
CA ASN D 154 -7.85 -48.78 1.11
C ASN D 154 -8.73 -48.17 2.20
N ILE D 155 -10.01 -48.07 1.91
CA ILE D 155 -10.98 -47.59 2.88
C ILE D 155 -10.98 -48.54 4.07
N THR D 156 -10.96 -49.82 3.78
CA THR D 156 -11.03 -50.79 4.87
C THR D 156 -9.74 -50.74 5.74
N LYS D 157 -8.60 -50.60 5.08
CA LYS D 157 -7.32 -50.43 5.75
C LYS D 157 -7.31 -49.20 6.63
N LEU D 158 -7.78 -48.10 6.10
CA LEU D 158 -7.87 -46.86 6.89
C LEU D 158 -8.93 -46.90 8.02
N GLU D 159 -10.10 -47.42 7.75
CA GLU D 159 -11.04 -47.51 8.86
C GLU D 159 -10.54 -48.39 9.99
N ALA D 160 -9.73 -49.40 9.67
CA ALA D 160 -9.12 -50.28 10.65
C ALA D 160 -8.04 -49.56 11.45
N GLN D 161 -7.40 -48.54 10.91
CA GLN D 161 -6.38 -47.87 11.69
C GLN D 161 -7.04 -47.30 12.95
N SER D 162 -6.25 -47.09 13.99
CA SER D 162 -6.78 -46.41 15.18
C SER D 162 -7.06 -44.95 14.88
N ALA D 163 -7.95 -44.30 15.63
CA ALA D 163 -8.22 -42.85 15.40
C ALA D 163 -7.01 -41.92 15.51
N SER D 164 -6.02 -42.29 16.32
CA SER D 164 -4.80 -41.49 16.51
C SER D 164 -3.94 -41.44 15.26
N GLU D 165 -4.04 -42.48 14.46
CA GLU D 165 -3.18 -42.62 13.33
C GLU D 165 -3.95 -42.48 12.03
N ARG D 166 -5.26 -42.59 12.07
CA ARG D 166 -6.01 -42.53 10.85
C ARG D 166 -5.95 -41.16 10.20
N ASP D 167 -5.53 -41.10 8.94
CA ASP D 167 -5.69 -39.88 8.16
C ASP D 167 -7.11 -39.79 7.59
N GLU D 168 -7.96 -39.03 8.29
CA GLU D 168 -9.37 -38.86 7.91
C GLU D 168 -9.50 -38.09 6.62
N VAL D 169 -8.57 -37.19 6.36
CA VAL D 169 -8.61 -36.44 5.11
C VAL D 169 -8.58 -37.39 3.92
N LEU D 170 -7.61 -38.28 3.95
CA LEU D 170 -7.38 -39.29 2.92
C LEU D 170 -8.54 -40.25 2.76
N LEU D 171 -9.02 -40.73 3.89
CA LEU D 171 -10.24 -41.59 3.92
C LEU D 171 -11.39 -40.95 3.14
N ASN D 172 -11.70 -39.70 3.44
CA ASN D 172 -12.75 -38.97 2.70
C ASN D 172 -12.40 -38.86 1.24
N GLY D 173 -11.13 -38.64 0.95
CA GLY D 173 -10.66 -38.56 -0.43
C GLY D 173 -10.87 -39.85 -1.18
N VAL D 174 -10.51 -40.97 -0.54
CA VAL D 174 -10.75 -42.27 -1.18
C VAL D 174 -12.23 -42.54 -1.35
N LYS D 175 -13.06 -42.18 -0.37
CA LYS D 175 -14.51 -42.37 -0.53
C LYS D 175 -15.04 -41.56 -1.72
N LYS D 176 -14.55 -40.35 -1.82
CA LYS D 176 -14.88 -39.49 -2.94
C LYS D 176 -14.45 -40.14 -4.26
N SER D 177 -13.26 -40.70 -4.33
CA SER D 177 -12.79 -41.30 -5.56
C SER D 177 -13.73 -42.47 -5.90
N LEU D 178 -14.04 -43.28 -4.92
CA LEU D 178 -14.92 -44.42 -5.15
C LEU D 178 -16.32 -43.96 -5.59
N GLU D 179 -16.88 -43.00 -4.90
CA GLU D 179 -18.15 -42.40 -5.31
C GLU D 179 -18.16 -42.00 -6.81
N ASP D 180 -17.08 -41.33 -7.23
CA ASP D 180 -16.98 -40.86 -8.64
C ASP D 180 -16.96 -41.97 -9.65
N VAL D 181 -16.10 -42.96 -9.40
CA VAL D 181 -15.95 -44.13 -10.26
C VAL D 181 -17.24 -44.95 -10.33
N LEU D 182 -17.93 -45.14 -9.20
CA LEU D 182 -19.21 -45.89 -9.25
C LEU D 182 -20.26 -45.19 -10.10
N LYS D 183 -20.32 -43.87 -9.96
CA LYS D 183 -21.24 -43.02 -10.67
C LYS D 183 -20.88 -42.89 -12.15
N ASN D 184 -19.60 -42.74 -12.45
CA ASN D 184 -19.15 -42.40 -13.82
C ASN D 184 -18.51 -43.48 -14.64
N ASN D 185 -17.92 -44.50 -14.00
CA ASN D 185 -17.15 -45.53 -14.74
C ASN D 185 -16.89 -46.74 -13.87
N PRO D 186 -17.94 -47.55 -13.52
CA PRO D 186 -17.69 -48.52 -12.45
C PRO D 186 -16.80 -49.66 -12.84
N GLU D 187 -16.63 -49.92 -14.13
CA GLU D 187 -15.77 -51.01 -14.54
C GLU D 187 -14.31 -50.59 -14.76
N GLU D 188 -14.00 -49.32 -14.53
CA GLU D 188 -12.63 -48.79 -14.70
C GLU D 188 -11.60 -49.61 -13.95
N THR D 189 -10.47 -49.88 -14.57
CA THR D 189 -9.42 -50.67 -13.94
C THR D 189 -8.12 -49.85 -13.91
N LEU D 190 -7.16 -50.41 -13.17
CA LEU D 190 -5.82 -49.85 -13.06
C LEU D 190 -5.27 -49.61 -14.49
N ILE D 191 -5.41 -50.58 -15.38
CA ILE D 191 -4.86 -50.48 -16.73
C ILE D 191 -5.68 -49.57 -17.65
N SER D 192 -7.01 -49.68 -17.67
CA SER D 192 -7.81 -48.69 -18.47
C SER D 192 -7.63 -47.18 -18.13
N SER D 193 -7.10 -46.89 -16.95
CA SER D 193 -6.73 -45.54 -16.54
C SER D 193 -5.51 -44.97 -17.26
N HIS D 194 -4.48 -45.80 -17.49
CA HIS D 194 -3.27 -45.33 -18.17
C HIS D 194 -3.43 -45.40 -19.69
N ASN D 195 -4.05 -44.37 -20.27
CA ASN D 195 -4.29 -44.25 -21.74
C ASN D 195 -3.49 -43.08 -22.36
N LYS D 196 -3.52 -42.97 -23.70
CA LYS D 196 -2.63 -42.05 -24.47
C LYS D 196 -2.64 -40.56 -24.11
N ASP D 197 -3.76 -40.11 -23.54
CA ASP D 197 -3.90 -38.74 -23.02
C ASP D 197 -2.98 -38.45 -21.82
N LYS D 198 -2.32 -39.49 -21.29
CA LYS D 198 -1.32 -39.36 -20.22
C LYS D 198 0.16 -39.26 -20.72
N GLY D 199 0.39 -39.30 -22.05
CA GLY D 199 1.76 -39.10 -22.63
C GLY D 199 2.87 -40.05 -22.14
N HIS D 200 3.87 -39.58 -21.42
CA HIS D 200 4.91 -40.46 -20.85
C HIS D 200 4.42 -41.48 -19.82
N LEU D 201 3.37 -41.14 -19.07
CA LEU D 201 2.74 -42.10 -18.15
C LEU D 201 2.17 -43.23 -18.91
N TRP D 202 1.69 -42.96 -20.13
CA TRP D 202 1.14 -43.99 -20.92
C TRP D 202 2.24 -44.99 -21.29
N PHE D 203 3.34 -44.51 -21.82
CA PHE D 203 4.30 -45.51 -22.33
C PHE D 203 5.18 -46.20 -21.29
N ASP D 204 5.51 -45.46 -20.24
CA ASP D 204 6.28 -45.99 -19.13
C ASP D 204 5.48 -47.10 -18.45
N PHE D 205 4.17 -46.90 -18.33
CA PHE D 205 3.33 -47.90 -17.62
C PHE D 205 3.20 -49.20 -18.41
N TYR D 206 2.90 -49.09 -19.70
CA TYR D 206 2.82 -50.28 -20.54
C TYR D 206 4.15 -50.98 -20.80
N ARG D 207 5.20 -50.19 -20.86
CA ARG D 207 6.54 -50.76 -20.90
C ARG D 207 6.77 -51.77 -19.77
N ASN D 208 6.41 -51.42 -18.52
CA ASN D 208 6.63 -52.39 -17.45
C ASN D 208 5.76 -53.62 -17.55
N LEU D 209 4.54 -53.48 -18.04
CA LEU D 209 3.65 -54.60 -18.25
C LEU D 209 4.25 -55.54 -19.32
N PHE D 210 4.77 -54.96 -20.36
CA PHE D 210 5.44 -55.76 -21.43
C PHE D 210 6.51 -56.59 -20.81
N LEU D 211 7.29 -55.95 -19.93
CA LEU D 211 8.47 -56.61 -19.31
C LEU D 211 8.09 -57.78 -18.41
N LEU D 212 6.89 -57.69 -17.82
CA LEU D 212 6.34 -58.82 -17.10
C LEU D 212 6.11 -59.95 -18.02
N LYS D 213 5.63 -59.72 -19.24
CA LYS D 213 5.42 -60.88 -20.13
C LYS D 213 6.71 -61.47 -20.62
N GLY D 214 7.68 -60.58 -20.88
CA GLY D 214 8.98 -60.90 -21.49
C GLY D 214 8.88 -61.50 -22.87
N SER D 215 9.80 -62.40 -23.20
CA SER D 215 9.85 -62.90 -24.57
C SER D 215 8.62 -63.67 -25.06
N ASP D 216 7.83 -64.24 -24.15
CA ASP D 216 6.57 -64.89 -24.54
C ASP D 216 5.58 -63.97 -25.28
N ALA D 217 5.70 -62.64 -25.05
CA ALA D 217 4.82 -61.65 -25.72
C ALA D 217 4.89 -61.74 -27.23
N PHE D 218 6.07 -62.13 -27.76
CA PHE D 218 6.23 -62.29 -29.21
C PHE D 218 5.33 -63.42 -29.70
N LEU D 219 5.28 -64.50 -28.93
CA LEU D 219 4.42 -65.65 -29.33
C LEU D 219 2.98 -65.31 -29.06
N GLU D 220 2.73 -64.66 -27.94
CA GLU D 220 1.38 -64.19 -27.68
C GLU D 220 0.80 -63.35 -28.84
N ALA D 221 1.61 -62.49 -29.44
CA ALA D 221 1.15 -61.62 -30.53
C ALA D 221 1.15 -62.30 -31.91
N GLY D 222 1.59 -63.54 -31.95
CA GLY D 222 1.57 -64.36 -33.14
C GLY D 222 2.66 -64.01 -34.10
N LYS D 223 3.78 -63.51 -33.60
CA LYS D 223 4.85 -63.15 -34.54
C LYS D 223 5.56 -64.36 -35.12
N PRO D 224 5.83 -64.35 -36.46
CA PRO D 224 6.51 -65.48 -37.02
C PRO D 224 7.99 -65.39 -36.74
N GLY D 225 8.66 -66.51 -36.86
CA GLY D 225 10.11 -66.56 -36.76
C GLY D 225 10.60 -66.48 -35.34
N CYS D 226 9.77 -66.79 -34.37
CA CYS D 226 10.11 -66.54 -32.95
C CYS D 226 10.19 -67.84 -32.11
N HIS D 227 10.07 -69.00 -32.77
CA HIS D 227 10.00 -70.31 -32.10
C HIS D 227 11.21 -70.61 -31.20
N HIS D 228 12.36 -70.16 -31.61
CA HIS D 228 13.58 -70.38 -30.87
C HIS D 228 13.70 -69.64 -29.54
N LEU D 229 12.93 -68.58 -29.34
CA LEU D 229 12.92 -67.88 -28.05
C LEU D 229 12.67 -68.81 -26.87
N GLN D 230 13.45 -68.65 -25.81
CA GLN D 230 13.30 -69.50 -24.63
C GLN D 230 11.93 -69.22 -23.97
N PRO D 231 11.11 -70.27 -23.72
CA PRO D 231 9.85 -70.17 -22.92
C PRO D 231 10.15 -69.48 -21.58
N GLY D 232 9.32 -68.52 -21.24
CA GLY D 232 9.46 -67.72 -20.01
C GLY D 232 10.68 -66.80 -20.01
N GLY D 233 11.29 -66.60 -21.19
CA GLY D 233 12.46 -65.78 -21.31
C GLY D 233 12.23 -64.28 -21.08
N GLY D 234 13.37 -63.59 -20.95
CA GLY D 234 13.38 -62.17 -20.62
C GLY D 234 13.40 -61.29 -21.87
N CYS D 235 13.80 -60.04 -21.65
CA CYS D 235 14.16 -59.13 -22.74
C CYS D 235 15.08 -57.97 -22.30
N ILE D 236 15.64 -57.28 -23.28
CA ILE D 236 16.46 -56.12 -23.03
C ILE D 236 15.70 -54.94 -23.64
N TYR D 237 15.14 -54.12 -22.79
CA TYR D 237 14.42 -52.93 -23.25
C TYR D 237 15.42 -51.78 -23.37
N LEU D 238 15.41 -51.06 -24.50
CA LEU D 238 16.24 -49.89 -24.72
C LEU D 238 15.36 -48.75 -25.29
N ASP D 239 15.51 -47.52 -24.77
CA ASP D 239 15.11 -46.31 -25.47
C ASP D 239 15.74 -46.33 -26.91
N ALA D 240 15.02 -45.74 -27.87
CA ALA D 240 15.48 -45.78 -29.25
C ALA D 240 16.58 -44.84 -29.58
N ASP D 241 17.06 -44.05 -28.59
CA ASP D 241 18.31 -43.29 -28.72
C ASP D 241 19.51 -43.92 -28.02
N MET D 242 19.40 -45.22 -27.61
CA MET D 242 20.52 -45.99 -27.02
C MET D 242 21.15 -46.71 -28.22
N LEU D 243 22.29 -46.20 -28.71
CA LEU D 243 22.92 -46.67 -29.96
C LEU D 243 23.98 -47.75 -29.73
N LEU D 244 23.78 -48.87 -30.39
CA LEU D 244 24.73 -49.97 -30.40
C LEU D 244 25.91 -49.63 -31.28
N THR D 245 27.12 -49.85 -30.75
CA THR D 245 28.36 -49.74 -31.56
C THR D 245 28.94 -51.12 -31.96
N ASP D 246 28.39 -52.18 -31.38
CA ASP D 246 28.74 -53.57 -31.71
C ASP D 246 27.70 -54.45 -31.05
N LYS D 247 27.87 -55.75 -31.18
CA LYS D 247 26.94 -56.70 -30.60
C LYS D 247 26.97 -56.61 -29.06
N LEU D 248 25.84 -56.89 -28.47
CA LEU D 248 25.73 -56.81 -27.04
C LEU D 248 26.39 -57.96 -26.33
N GLY D 249 26.31 -59.15 -26.89
CA GLY D 249 26.96 -60.30 -26.25
C GLY D 249 25.99 -60.86 -25.20
N THR D 250 26.51 -61.72 -24.36
CA THR D 250 25.78 -62.34 -23.28
C THR D 250 26.04 -61.41 -22.10
N LEU D 251 25.01 -61.00 -21.41
CA LEU D 251 25.16 -60.14 -20.28
C LEU D 251 25.02 -61.00 -19.03
N TYR D 252 25.69 -60.67 -17.94
CA TYR D 252 25.51 -61.42 -16.67
C TYR D 252 25.08 -60.41 -15.64
N LEU D 253 23.87 -60.56 -15.18
CA LEU D 253 23.16 -59.60 -14.33
C LEU D 253 22.76 -60.21 -12.98
N PRO D 254 22.85 -59.41 -11.90
CA PRO D 254 22.47 -59.92 -10.57
C PRO D 254 21.00 -60.29 -10.49
N ASP D 255 20.69 -61.53 -10.13
CA ASP D 255 19.36 -62.06 -10.15
C ASP D 255 18.67 -61.88 -11.53
N GLY D 256 19.49 -61.79 -12.62
CA GLY D 256 18.98 -61.53 -14.00
C GLY D 256 18.26 -60.20 -14.27
N ILE D 257 18.56 -59.17 -13.49
CA ILE D 257 17.97 -57.87 -13.68
C ILE D 257 19.01 -56.76 -13.64
N ALA D 258 18.89 -55.77 -14.52
CA ALA D 258 19.64 -54.55 -14.43
C ALA D 258 18.91 -53.39 -15.12
N ILE D 259 19.29 -52.18 -14.74
CA ILE D 259 18.53 -50.95 -15.04
C ILE D 259 19.49 -49.80 -15.30
N HIS D 260 19.12 -48.91 -16.22
CA HIS D 260 19.96 -47.72 -16.54
C HIS D 260 20.15 -46.86 -15.26
N VAL D 261 21.38 -46.38 -15.11
CA VAL D 261 21.78 -45.46 -14.07
C VAL D 261 22.49 -44.30 -14.77
N SER D 262 22.06 -43.08 -14.44
CA SER D 262 22.73 -41.86 -14.91
C SER D 262 23.62 -41.28 -13.81
N ARG D 263 24.82 -40.84 -14.18
CA ARG D 263 25.73 -40.17 -13.28
C ARG D 263 26.05 -38.83 -13.89
N LYS D 264 25.44 -37.78 -13.35
CA LYS D 264 25.56 -36.49 -13.99
C LYS D 264 25.42 -35.31 -13.06
N ASP D 265 26.45 -34.48 -12.94
CA ASP D 265 27.83 -34.91 -12.85
C ASP D 265 27.91 -35.80 -11.59
N ASN D 266 27.14 -35.44 -10.54
CA ASN D 266 27.13 -36.18 -9.28
C ASN D 266 25.86 -36.94 -8.83
N HIS D 267 24.64 -36.39 -8.97
CA HIS D 267 23.45 -37.10 -8.47
C HIS D 267 23.44 -38.42 -9.26
N VAL D 268 23.04 -39.49 -8.58
CA VAL D 268 23.11 -40.80 -9.17
C VAL D 268 21.70 -41.27 -9.16
N SER D 269 21.23 -41.68 -10.34
CA SER D 269 19.83 -42.01 -10.48
C SER D 269 19.64 -43.29 -11.23
N LEU D 270 18.65 -44.05 -10.77
CA LEU D 270 17.97 -45.08 -11.54
C LEU D 270 17.18 -44.37 -12.63
N GLU D 271 17.06 -44.99 -13.80
CA GLU D 271 16.29 -44.43 -14.97
C GLU D 271 15.68 -45.50 -15.75
N ASN D 272 14.58 -45.28 -16.53
CA ASN D 272 13.99 -46.48 -17.15
C ASN D 272 14.32 -46.71 -18.65
N GLY D 273 15.33 -46.03 -19.11
CA GLY D 273 15.78 -46.10 -20.51
C GLY D 273 16.48 -47.35 -20.95
N ILE D 274 16.94 -48.19 -20.00
CA ILE D 274 17.42 -49.51 -20.19
C ILE D 274 16.83 -50.34 -19.03
N ILE D 275 16.08 -51.41 -19.39
CA ILE D 275 15.65 -52.44 -18.45
C ILE D 275 15.93 -53.80 -19.06
N ALA D 276 16.70 -54.61 -18.38
CA ALA D 276 16.96 -55.91 -18.84
C ALA D 276 16.58 -56.95 -17.82
N VAL D 277 15.82 -57.98 -18.23
CA VAL D 277 15.38 -59.09 -17.35
C VAL D 277 15.65 -60.40 -18.05
N ASN D 278 16.01 -61.45 -17.29
CA ASN D 278 16.32 -62.72 -17.85
C ASN D 278 15.13 -63.66 -17.93
N ARG D 279 14.02 -63.24 -17.39
CA ARG D 279 12.84 -64.07 -17.30
C ARG D 279 11.59 -63.25 -17.18
N SER D 280 10.50 -63.82 -17.65
CA SER D 280 9.18 -63.28 -17.41
C SER D 280 8.93 -63.12 -15.91
N GLU D 281 8.01 -62.23 -15.62
CA GLU D 281 7.47 -61.89 -14.29
C GLU D 281 8.54 -61.82 -13.22
N HIS D 282 9.59 -61.09 -13.55
CA HIS D 282 10.70 -61.02 -12.66
C HIS D 282 10.16 -60.56 -11.25
N PRO D 283 10.51 -61.24 -10.19
CA PRO D 283 9.86 -60.88 -8.90
C PRO D 283 10.08 -59.47 -8.44
N ALA D 284 11.19 -58.88 -8.83
CA ALA D 284 11.41 -57.47 -8.63
C ALA D 284 10.42 -56.56 -9.32
N LEU D 285 10.07 -56.85 -10.57
CA LEU D 285 8.98 -56.14 -11.22
C LEU D 285 7.59 -56.48 -10.62
N ILE D 286 7.36 -57.73 -10.26
CA ILE D 286 6.08 -58.13 -9.58
C ILE D 286 5.91 -57.31 -8.27
N LYS D 287 6.97 -57.17 -7.48
CA LYS D 287 6.90 -56.30 -6.29
C LYS D 287 6.39 -54.88 -6.52
N GLY D 288 6.93 -54.24 -7.56
CA GLY D 288 6.44 -53.00 -8.05
C GLY D 288 4.96 -53.06 -8.42
N LEU D 289 4.55 -54.10 -9.13
CA LEU D 289 3.14 -54.19 -9.55
C LEU D 289 2.22 -54.21 -8.29
N GLU D 290 2.66 -54.94 -7.28
CA GLU D 290 1.90 -55.08 -6.02
C GLU D 290 1.79 -53.76 -5.35
N ILE D 291 2.81 -52.92 -5.46
CA ILE D 291 2.68 -51.53 -5.00
C ILE D 291 1.59 -50.78 -5.76
N MET D 292 1.57 -50.88 -7.09
CA MET D 292 0.58 -50.20 -7.90
C MET D 292 -0.83 -50.73 -7.62
N HIS D 293 -0.95 -52.00 -7.28
CA HIS D 293 -2.24 -52.59 -6.92
C HIS D 293 -2.80 -52.06 -5.59
N SER D 294 -2.01 -51.28 -4.85
CA SER D 294 -2.59 -50.42 -3.79
C SER D 294 -2.46 -48.90 -3.98
N LYS D 295 -1.82 -48.45 -5.04
CA LYS D 295 -1.64 -47.03 -5.37
C LYS D 295 -1.79 -46.83 -6.93
N PRO D 296 -3.05 -46.82 -7.48
CA PRO D 296 -3.13 -46.91 -8.96
C PRO D 296 -2.65 -45.76 -9.94
N TYR D 297 -2.66 -44.45 -9.67
CA TYR D 297 -2.30 -43.68 -8.44
C TYR D 297 -0.81 -43.82 -8.14
N GLY D 298 -0.01 -44.31 -9.10
CA GLY D 298 1.42 -44.65 -8.86
C GLY D 298 2.26 -44.18 -10.03
N ASP D 299 3.49 -43.77 -9.76
CA ASP D 299 4.30 -43.31 -10.88
C ASP D 299 5.03 -44.57 -11.38
N PRO D 300 5.01 -44.82 -12.72
CA PRO D 300 5.61 -46.09 -13.15
C PRO D 300 7.07 -46.12 -12.83
N TYR D 301 7.65 -44.93 -12.68
CA TYR D 301 9.00 -44.83 -12.30
C TYR D 301 9.24 -44.85 -10.76
N ASN D 302 8.58 -43.93 -10.02
CA ASN D 302 8.82 -43.77 -8.57
C ASN D 302 8.27 -44.93 -7.79
N ASP D 303 7.17 -45.52 -8.25
CA ASP D 303 6.48 -46.52 -7.45
C ASP D 303 6.69 -47.92 -7.99
N TRP D 304 6.45 -48.12 -9.27
CA TRP D 304 6.65 -49.47 -9.81
C TRP D 304 8.15 -49.79 -9.82
N LEU D 305 8.94 -49.03 -10.57
CA LEU D 305 10.31 -49.45 -10.82
C LEU D 305 11.22 -49.20 -9.66
N SER D 306 11.23 -47.97 -9.16
CA SER D 306 12.15 -47.55 -8.17
C SER D 306 11.84 -48.25 -6.82
N LYS D 307 10.60 -48.12 -6.31
CA LYS D 307 10.28 -48.76 -5.02
C LYS D 307 10.25 -50.23 -5.12
N GLY D 308 9.74 -50.75 -6.25
CA GLY D 308 9.65 -52.21 -6.41
C GLY D 308 11.00 -52.88 -6.36
N LEU D 309 11.92 -52.40 -7.20
CA LEU D 309 13.24 -52.92 -7.24
C LEU D 309 13.97 -52.81 -5.88
N ARG D 310 13.91 -51.63 -5.27
CA ARG D 310 14.64 -51.39 -4.02
C ARG D 310 14.09 -52.22 -2.86
N HIS D 311 12.77 -52.30 -2.73
CA HIS D 311 12.12 -53.15 -1.72
C HIS D 311 12.37 -54.65 -1.95
N TYR D 312 12.58 -55.02 -3.21
CA TYR D 312 12.95 -56.39 -3.51
C TYR D 312 14.38 -56.72 -3.04
N PHE D 313 15.34 -55.89 -3.36
CA PHE D 313 16.71 -56.14 -3.01
C PHE D 313 17.11 -55.61 -1.65
N ASP D 314 16.31 -54.74 -1.02
CA ASP D 314 16.68 -54.22 0.30
C ASP D 314 15.46 -53.69 1.05
N GLY D 315 14.57 -54.59 1.39
CA GLY D 315 13.32 -54.24 2.06
C GLY D 315 13.55 -53.49 3.37
N SER D 316 14.60 -53.89 4.11
CA SER D 316 14.88 -53.25 5.43
C SER D 316 15.82 -52.06 5.35
N HIS D 317 16.12 -51.58 4.13
CA HIS D 317 16.83 -50.32 3.87
C HIS D 317 18.13 -50.25 4.64
N ILE D 318 18.82 -51.38 4.73
CA ILE D 318 20.14 -51.40 5.37
C ILE D 318 21.28 -50.97 4.48
N GLN D 319 21.04 -50.66 3.20
CA GLN D 319 22.04 -50.02 2.34
C GLN D 319 21.47 -48.69 1.80
N ASP D 320 22.32 -47.80 1.35
CA ASP D 320 21.81 -46.60 0.87
C ASP D 320 21.55 -46.65 -0.66
N TYR D 321 20.85 -45.64 -1.14
CA TYR D 321 20.45 -45.57 -2.56
C TYR D 321 21.58 -45.66 -3.56
N ASP D 322 22.66 -44.96 -3.25
CA ASP D 322 23.85 -44.96 -4.05
C ASP D 322 24.50 -46.35 -4.19
N ALA D 323 24.52 -47.12 -3.08
CA ALA D 323 24.93 -48.50 -3.18
C ALA D 323 23.95 -49.29 -4.09
N PHE D 324 22.64 -49.05 -3.97
CA PHE D 324 21.67 -49.83 -4.76
C PHE D 324 21.91 -49.55 -6.26
N CYS D 325 22.00 -48.27 -6.59
CA CYS D 325 22.41 -47.80 -8.01
C CYS D 325 23.68 -48.49 -8.55
N ASP D 326 24.73 -48.60 -7.72
CA ASP D 326 25.99 -49.28 -8.14
C ASP D 326 25.78 -50.81 -8.45
N PHE D 327 24.97 -51.45 -7.64
CA PHE D 327 24.66 -52.88 -7.75
C PHE D 327 23.77 -53.16 -9.01
N ILE D 328 22.72 -52.38 -9.18
CA ILE D 328 21.72 -52.63 -10.22
C ILE D 328 22.12 -52.13 -11.59
N GLU D 329 23.16 -51.28 -11.64
CA GLU D 329 23.49 -50.56 -12.89
C GLU D 329 23.75 -51.48 -14.14
N PHE D 330 23.01 -51.19 -15.22
CA PHE D 330 23.29 -51.77 -16.51
C PHE D 330 24.47 -50.97 -17.10
N LYS D 331 25.64 -51.59 -17.17
CA LYS D 331 26.81 -51.05 -17.82
C LYS D 331 27.07 -51.79 -19.10
N HIS D 332 27.35 -51.05 -20.18
CA HIS D 332 27.79 -51.68 -21.43
C HIS D 332 28.69 -50.71 -22.23
N GLU D 333 29.87 -51.18 -22.57
CA GLU D 333 30.80 -50.36 -23.35
C GLU D 333 30.44 -50.15 -24.81
N ASN D 334 29.51 -50.91 -25.35
CA ASN D 334 29.09 -50.79 -26.76
C ASN D 334 27.73 -50.09 -26.99
N ILE D 335 27.33 -49.26 -26.03
CA ILE D 335 26.07 -48.50 -26.12
C ILE D 335 26.35 -47.01 -25.89
N ILE D 336 26.01 -46.18 -26.88
CA ILE D 336 26.01 -44.73 -26.74
C ILE D 336 24.67 -44.33 -26.09
N MET D 337 24.69 -43.92 -24.81
CA MET D 337 23.43 -43.92 -24.05
C MET D 337 22.76 -42.59 -24.11
N ASN D 338 21.43 -42.62 -24.24
CA ASN D 338 20.61 -41.41 -24.08
C ASN D 338 21.10 -40.32 -25.05
N THR D 339 21.18 -40.68 -26.32
CA THR D 339 21.68 -39.72 -27.26
C THR D 339 20.75 -38.52 -27.57
N SER D 340 19.47 -38.56 -27.14
CA SER D 340 18.59 -37.42 -27.22
C SER D 340 19.05 -36.30 -26.29
N SER D 341 19.66 -36.66 -25.16
CA SER D 341 20.02 -35.67 -24.13
C SER D 341 21.36 -34.95 -24.47
N LEU D 342 21.97 -35.34 -25.59
CA LEU D 342 22.96 -34.57 -26.27
C LEU D 342 22.26 -33.93 -27.48
#